data_2R4J
#
_entry.id   2R4J
#
_cell.length_a   113.916
_cell.length_b   114.142
_cell.length_c   193.591
_cell.angle_alpha   90.00
_cell.angle_beta   90.00
_cell.angle_gamma   90.00
#
_symmetry.space_group_name_H-M   'I 2 2 2'
#
loop_
_entity.id
_entity.type
_entity.pdbx_description
1 polymer 'Aerobic glycerol-3-phosphate dehydrogenase'
2 non-polymer 'octyl beta-D-glucopyranoside'
3 non-polymer 'PHOSPHATE ION'
4 non-polymer 'FLAVIN-ADENINE DINUCLEOTIDE'
5 non-polymer 1,2-ETHANEDIOL
6 non-polymer IMIDAZOLE
7 non-polymer 1,3-DIHYDROXYACETONEPHOSPHATE
8 non-polymer BICINE
9 non-polymer TRIS(HYDROXYETHYL)AMINOMETHANE
10 water water
#
_entity_poly.entity_id   1
_entity_poly.type   'polypeptide(L)'
_entity_poly.pdbx_seq_one_letter_code
;METKDLIVIGGGINGAGIAADAAGRGLSVL(MSE)LEAQDLACATSSASSKLIHGGLRYLEHYEFRLVSEALAEREVLLK
(MSE)APHIAFP(MSE)RFRLPHRPHLRPAWMIRIGLFMYDHLGKRTSLPGSTGLRFGANSVLKPEIKRGFEYSDCWVDD
ARLVLANAQ(MSE)VVRKGGEVLTRTRATSARRENGLWIVEAEDIDTGKKYSWQARGLVNATGPWVKQFFDDG(MSE)HL
PSPYGIRLIKGSHIVVPRVHTQKQAYILQNEDKRIVFVIPW(MSE)DEFSIIGTTDVEYKGDPKAVKIEESEINYLLNVY
NTHFKKQLSRDDIVWTYSGVRPLCDDESDSPQAITRDYTLDIHDENGKAPLLSVFGGKLTTYRKLAEHALEKLTPYYQGI
GPAWTKESVLPGGAIEGDRDDYAARLRRRYPFLTESLARHYARTYGSNSELLLGNAGTVSDLGEDFGHEFYEAELKYLVD
HEWVRRADDALWRRTKQG(MSE)WLNADQQSRVSQWLVEYTQQRLSLAS
;
_entity_poly.pdbx_strand_id   A,B
#
# COMPACT_ATOMS: atom_id res chain seq x y z
N MET A 1 23.65 18.25 -16.33
CA MET A 1 23.42 17.94 -14.87
C MET A 1 22.35 16.82 -14.65
N GLU A 2 22.63 15.52 -14.94
CA GLU A 2 23.96 14.82 -15.09
C GLU A 2 24.90 14.80 -13.83
N THR A 3 24.65 15.67 -12.86
CA THR A 3 25.41 15.67 -11.61
C THR A 3 24.48 15.18 -10.51
N LYS A 4 24.81 14.02 -9.93
CA LYS A 4 24.01 13.44 -8.89
C LYS A 4 24.39 14.20 -7.65
N ASP A 5 23.51 14.32 -6.69
CA ASP A 5 23.95 14.92 -5.45
C ASP A 5 24.94 13.95 -4.80
N LEU A 6 24.50 12.69 -4.63
CA LEU A 6 25.21 11.68 -3.83
C LEU A 6 25.37 10.39 -4.62
N ILE A 7 26.60 9.85 -4.63
CA ILE A 7 26.81 8.50 -5.13
C ILE A 7 27.26 7.57 -4.03
N VAL A 8 26.57 6.40 -3.91
CA VAL A 8 26.84 5.41 -2.84
C VAL A 8 27.47 4.25 -3.59
N ILE A 9 28.67 3.87 -3.21
CA ILE A 9 29.32 2.73 -3.89
C ILE A 9 29.18 1.60 -2.89
N GLY A 10 28.45 0.55 -3.20
CA GLY A 10 28.11 -0.41 -2.16
C GLY A 10 26.64 -0.73 -2.01
N GLY A 11 26.31 -1.98 -2.33
CA GLY A 11 24.94 -2.43 -2.24
C GLY A 11 24.66 -3.57 -1.31
N GLY A 12 25.28 -3.53 -0.16
CA GLY A 12 24.87 -4.31 0.93
C GLY A 12 24.11 -3.50 1.91
N ILE A 13 23.86 -3.97 3.11
CA ILE A 13 22.97 -3.21 4.03
C ILE A 13 23.35 -1.78 4.32
N ASN A 14 24.65 -1.46 4.39
CA ASN A 14 25.01 -0.03 4.78
C ASN A 14 24.91 0.95 3.62
N GLY A 15 25.26 0.51 2.44
CA GLY A 15 25.07 1.31 1.26
C GLY A 15 23.61 1.52 0.90
N ALA A 16 22.76 0.47 0.90
CA ALA A 16 21.33 0.65 0.57
C ALA A 16 20.66 1.50 1.63
N GLY A 17 21.10 1.40 2.85
CA GLY A 17 20.47 2.17 3.94
C GLY A 17 20.78 3.68 3.88
N ILE A 18 22.02 4.02 3.54
CA ILE A 18 22.39 5.41 3.29
C ILE A 18 21.70 5.96 2.05
N ALA A 19 21.68 5.19 0.95
CA ALA A 19 21.09 5.66 -0.25
C ALA A 19 19.58 5.98 0.04
N ALA A 20 18.84 5.07 0.66
CA ALA A 20 17.40 5.22 0.94
C ALA A 20 17.14 6.49 1.75
N ASP A 21 17.77 6.56 2.92
CA ASP A 21 17.78 7.76 3.72
C ASP A 21 18.07 8.95 2.80
N ALA A 22 19.19 9.00 2.12
CA ALA A 22 19.42 10.21 1.31
C ALA A 22 18.34 10.53 0.25
N ALA A 23 17.81 9.50 -0.42
CA ALA A 23 16.80 9.72 -1.47
C ALA A 23 15.55 10.32 -0.87
N GLY A 24 15.25 9.97 0.35
CA GLY A 24 14.12 10.55 1.08
C GLY A 24 14.45 11.84 1.82
N ARG A 25 15.31 12.66 1.24
CA ARG A 25 15.65 13.95 1.84
C ARG A 25 15.84 14.89 0.69
N GLY A 26 15.62 14.34 -0.50
CA GLY A 26 15.55 15.10 -1.70
C GLY A 26 16.82 15.10 -2.51
N LEU A 27 17.86 14.37 -2.06
CA LEU A 27 19.11 14.36 -2.80
C LEU A 27 18.89 13.49 -3.99
N SER A 28 19.46 13.82 -5.16
CA SER A 28 19.44 12.85 -6.24
C SER A 28 20.58 11.82 -6.06
N VAL A 29 20.17 10.57 -5.74
CA VAL A 29 21.04 9.45 -5.39
C VAL A 29 21.25 8.40 -6.49
N LEU A 30 22.49 7.91 -6.61
CA LEU A 30 22.84 6.77 -7.44
C LEU A 30 23.63 5.79 -6.55
N LEU A 32 25.63 2.19 -6.66
CA LEU A 32 26.32 1.25 -7.56
C LEU A 32 26.65 -0.10 -6.86
N GLU A 33 26.28 -1.25 -7.42
CA GLU A 33 26.65 -2.55 -6.80
C GLU A 33 27.38 -3.34 -7.84
N ALA A 34 28.52 -3.89 -7.42
CA ALA A 34 29.45 -4.49 -8.32
C ALA A 34 28.89 -5.79 -8.82
N GLN A 35 28.12 -6.48 -8.00
CA GLN A 35 27.55 -7.74 -8.47
C GLN A 35 26.02 -7.76 -8.23
N ASP A 36 25.54 -8.34 -7.14
CA ASP A 36 24.14 -8.27 -6.84
C ASP A 36 23.96 -7.62 -5.47
N LEU A 37 22.75 -7.21 -5.14
CA LEU A 37 22.47 -6.65 -3.82
C LEU A 37 22.59 -7.74 -2.76
N ALA A 38 23.23 -7.40 -1.64
CA ALA A 38 23.46 -8.37 -0.57
C ALA A 38 24.33 -9.55 -0.96
N CYS A 39 25.08 -9.42 -2.05
CA CYS A 39 25.91 -10.54 -2.51
C CYS A 39 27.12 -10.89 -1.68
N ALA A 40 27.39 -10.16 -0.62
CA ALA A 40 28.52 -10.46 0.22
C ALA A 40 28.15 -10.61 1.66
N THR A 41 28.64 -9.72 2.47
CA THR A 41 28.52 -9.90 3.95
C THR A 41 27.09 -9.91 4.32
N SER A 42 26.29 -9.07 3.67
CA SER A 42 24.89 -8.87 4.11
C SER A 42 23.96 -10.04 3.85
N SER A 43 24.40 -11.08 3.10
CA SER A 43 23.61 -12.27 2.95
C SER A 43 24.25 -13.46 3.67
N ALA A 44 25.25 -13.20 4.51
CA ALA A 44 26.03 -14.19 5.21
C ALA A 44 25.97 -14.08 6.72
N SER A 45 25.03 -13.29 7.25
CA SER A 45 24.97 -13.02 8.67
C SER A 45 24.18 -14.17 9.38
N SER A 46 23.98 -14.11 10.70
CA SER A 46 23.18 -15.13 11.44
C SER A 46 21.71 -14.70 11.38
N LYS A 47 21.47 -13.59 10.70
CA LYS A 47 20.08 -13.12 10.43
C LYS A 47 19.29 -12.66 11.67
N LEU A 48 19.98 -11.99 12.58
CA LEU A 48 19.42 -11.60 13.88
C LEU A 48 19.42 -10.09 14.13
N ILE A 49 18.30 -9.55 14.60
CA ILE A 49 18.30 -8.16 15.08
C ILE A 49 18.43 -8.41 16.56
N HIS A 50 19.64 -8.22 17.04
CA HIS A 50 19.91 -8.50 18.44
C HIS A 50 20.57 -7.31 19.06
N GLY A 51 20.49 -7.19 20.38
CA GLY A 51 21.10 -6.06 21.05
C GLY A 51 22.58 -6.34 21.20
N GLY A 52 22.93 -7.59 21.44
CA GLY A 52 24.28 -8.04 21.33
C GLY A 52 24.61 -8.46 22.73
N LEU A 53 24.02 -9.56 23.19
CA LEU A 53 24.14 -9.93 24.57
C LEU A 53 25.61 -10.04 24.95
N ARG A 54 26.38 -10.73 24.11
CA ARG A 54 27.79 -10.95 24.49
C ARG A 54 28.68 -9.70 24.61
N TYR A 55 28.25 -8.58 24.02
CA TYR A 55 29.02 -7.35 24.01
C TYR A 55 29.02 -6.59 25.35
N LEU A 56 28.09 -6.92 26.25
CA LEU A 56 28.08 -6.32 27.60
C LEU A 56 29.31 -6.74 28.43
N GLU A 57 29.72 -7.99 28.24
CA GLU A 57 30.96 -8.53 28.74
C GLU A 57 32.13 -7.56 28.49
N HIS A 58 32.11 -6.88 27.34
CA HIS A 58 33.21 -6.02 26.93
C HIS A 58 32.82 -4.55 27.12
N TYR A 59 31.80 -4.30 27.95
CA TYR A 59 31.30 -2.96 28.30
C TYR A 59 30.85 -2.08 27.15
N GLU A 60 30.20 -2.68 26.15
CA GLU A 60 29.86 -1.98 24.88
C GLU A 60 28.43 -1.34 24.82
N PHE A 61 28.11 -0.57 25.86
CA PHE A 61 26.78 0.03 26.04
C PHE A 61 26.29 0.98 24.93
N ARG A 62 27.14 1.84 24.40
CA ARG A 62 26.72 2.61 23.23
C ARG A 62 26.01 1.66 22.25
N LEU A 63 26.66 0.53 21.94
CA LEU A 63 26.17 -0.35 20.90
C LEU A 63 24.96 -1.17 21.34
N VAL A 64 25.07 -1.94 22.44
CA VAL A 64 23.98 -2.79 22.92
C VAL A 64 22.72 -1.97 23.19
N SER A 65 22.87 -0.74 23.65
CA SER A 65 21.68 -0.04 23.96
C SER A 65 21.12 0.56 22.67
N GLU A 66 21.97 1.05 21.78
CA GLU A 66 21.43 1.50 20.50
C GLU A 66 20.65 0.38 19.79
N ALA A 67 21.21 -0.83 19.84
CA ALA A 67 20.76 -1.95 19.05
C ALA A 67 19.49 -2.52 19.62
N LEU A 68 19.46 -2.65 20.94
CA LEU A 68 18.25 -2.98 21.66
C LEU A 68 17.05 -2.12 21.24
N ALA A 69 17.17 -0.80 21.33
CA ALA A 69 16.12 0.13 20.86
C ALA A 69 15.73 -0.03 19.38
N GLU A 70 16.68 -0.39 18.53
CA GLU A 70 16.44 -0.60 17.07
C GLU A 70 15.62 -1.85 16.75
N ARG A 71 15.64 -2.88 17.60
CA ARG A 71 14.86 -4.10 17.29
C ARG A 71 13.42 -3.71 16.97
N GLU A 72 12.78 -2.98 17.88
CA GLU A 72 11.39 -2.57 17.64
C GLU A 72 11.11 -1.58 16.51
N VAL A 73 12.04 -0.69 16.18
CA VAL A 73 11.87 0.09 15.00
C VAL A 73 11.83 -0.82 13.76
N LEU A 74 12.75 -1.79 13.64
CA LEU A 74 12.86 -2.58 12.43
C LEU A 74 11.67 -3.49 12.30
N LEU A 75 11.23 -4.00 13.44
CA LEU A 75 9.99 -4.81 13.55
C LEU A 75 8.67 -4.13 13.10
N LYS A 76 8.65 -2.80 12.99
CA LYS A 76 7.51 -2.08 12.44
C LYS A 76 7.77 -1.66 11.01
N ALA A 78 9.43 -3.43 8.76
CA ALA A 78 9.55 -4.57 7.87
C ALA A 78 8.94 -5.84 8.50
N PRO A 79 7.65 -5.78 8.82
CA PRO A 79 7.04 -6.96 9.40
C PRO A 79 6.81 -8.10 8.38
N HIS A 80 6.94 -7.87 7.10
CA HIS A 80 6.89 -9.14 6.26
C HIS A 80 8.10 -10.08 6.62
N ILE A 81 9.29 -9.50 6.71
CA ILE A 81 10.54 -10.26 6.86
C ILE A 81 11.22 -10.33 8.26
N ALA A 82 10.70 -9.62 9.26
CA ALA A 82 11.30 -9.62 10.58
C ALA A 82 10.22 -10.02 11.62
N PHE A 83 10.60 -10.70 12.70
CA PHE A 83 9.67 -11.08 13.74
C PHE A 83 10.38 -11.38 15.08
N PRO A 84 9.65 -11.35 16.20
CA PRO A 84 10.21 -11.79 17.49
C PRO A 84 10.57 -13.28 17.59
N ARG A 86 12.37 -16.14 20.71
CA ARG A 86 12.92 -16.30 22.07
C ARG A 86 14.13 -17.19 21.98
N PHE A 87 15.11 -16.96 22.87
CA PHE A 87 16.41 -17.60 22.79
C PHE A 87 16.58 -18.27 24.07
N ARG A 88 16.93 -19.52 24.07
CA ARG A 88 17.20 -20.14 25.33
C ARG A 88 18.67 -20.29 25.55
N LEU A 89 19.13 -19.76 26.69
CA LEU A 89 20.50 -19.86 27.19
C LEU A 89 20.71 -20.94 28.28
N PRO A 90 21.21 -22.14 27.89
CA PRO A 90 21.55 -23.18 28.84
C PRO A 90 22.63 -22.76 29.86
N HIS A 91 22.46 -23.15 31.11
CA HIS A 91 23.37 -22.67 32.15
C HIS A 91 24.59 -23.58 32.33
N ARG A 92 25.77 -22.96 32.39
CA ARG A 92 27.01 -23.68 32.57
C ARG A 92 27.83 -22.91 33.59
N PRO A 93 27.71 -23.30 34.86
CA PRO A 93 28.23 -22.45 35.96
C PRO A 93 29.74 -22.32 35.91
N HIS A 94 30.41 -23.35 35.41
CA HIS A 94 31.86 -23.32 35.29
C HIS A 94 32.42 -22.29 34.31
N LEU A 95 31.52 -21.57 33.60
CA LEU A 95 31.91 -20.61 32.58
C LEU A 95 31.44 -19.23 32.96
N ARG A 96 30.17 -19.12 33.36
CA ARG A 96 29.61 -17.86 33.78
C ARG A 96 28.65 -18.13 34.92
N PRO A 97 28.76 -17.36 36.01
CA PRO A 97 27.98 -17.71 37.17
C PRO A 97 26.52 -17.27 37.05
N ALA A 98 25.62 -18.09 37.57
CA ALA A 98 24.21 -17.79 37.39
C ALA A 98 23.95 -16.32 37.76
N TRP A 99 24.48 -15.85 38.91
CA TRP A 99 24.31 -14.44 39.33
C TRP A 99 24.72 -13.36 38.27
N MET A 100 25.62 -13.72 37.37
CA MET A 100 26.14 -12.81 36.32
C MET A 100 25.14 -12.70 35.13
N ILE A 101 24.73 -13.86 34.61
CA ILE A 101 23.68 -13.93 33.60
C ILE A 101 22.52 -13.02 34.06
N ARG A 102 22.09 -13.23 35.31
CA ARG A 102 20.97 -12.52 35.87
C ARG A 102 21.17 -11.02 35.76
N ILE A 103 22.38 -10.53 36.03
CA ILE A 103 22.63 -9.09 35.84
C ILE A 103 22.59 -8.68 34.36
N GLY A 104 23.12 -9.55 33.49
CA GLY A 104 23.15 -9.24 32.05
C GLY A 104 21.79 -9.11 31.41
N LEU A 105 20.90 -10.04 31.77
CA LEU A 105 19.49 -10.07 31.33
C LEU A 105 18.68 -8.79 31.73
N PHE A 106 18.85 -8.36 32.98
CA PHE A 106 18.31 -7.06 33.44
C PHE A 106 18.74 -5.91 32.54
N MET A 107 20.03 -5.81 32.26
CA MET A 107 20.53 -4.72 31.43
C MET A 107 19.97 -4.82 30.01
N TYR A 108 19.85 -6.05 29.51
CA TYR A 108 19.24 -6.35 28.21
C TYR A 108 17.78 -5.91 28.18
N ASP A 109 17.09 -6.12 29.30
CA ASP A 109 15.71 -5.75 29.35
C ASP A 109 15.52 -4.24 29.38
N HIS A 110 16.47 -3.49 29.94
CA HIS A 110 16.22 -2.05 30.17
C HIS A 110 17.16 -1.04 29.50
N LEU A 111 18.22 -1.49 28.84
CA LEU A 111 19.09 -0.54 28.11
C LEU A 111 18.43 0.15 26.86
N GLY A 112 17.42 -0.48 26.25
CA GLY A 112 16.80 0.11 25.06
C GLY A 112 15.37 0.58 25.29
N LYS A 113 14.80 0.13 26.40
CA LYS A 113 13.36 0.27 26.79
C LYS A 113 12.39 -0.03 25.65
N ARG A 114 11.69 -1.14 25.82
CA ARG A 114 10.98 -1.77 24.73
C ARG A 114 9.50 -1.93 25.03
N THR A 115 8.70 -1.42 24.10
CA THR A 115 7.27 -1.23 24.28
C THR A 115 6.45 -2.42 23.79
N SER A 116 7.12 -3.52 23.41
CA SER A 116 6.42 -4.66 22.79
C SER A 116 7.02 -6.05 23.05
N LEU A 117 8.35 -6.17 22.94
CA LEU A 117 9.05 -7.45 23.09
C LEU A 117 8.97 -7.94 24.49
N PRO A 118 8.68 -9.20 24.71
CA PRO A 118 8.48 -9.69 26.06
C PRO A 118 9.62 -9.45 27.01
N GLY A 119 10.04 -10.45 27.78
CA GLY A 119 11.06 -10.22 28.78
C GLY A 119 11.59 -11.49 29.38
N SER A 120 12.75 -11.44 29.98
CA SER A 120 13.47 -12.63 30.36
C SER A 120 12.95 -13.52 31.47
N THR A 121 13.24 -14.81 31.39
CA THR A 121 12.89 -15.74 32.42
C THR A 121 13.92 -16.82 32.69
N GLY A 122 13.73 -17.58 33.76
CA GLY A 122 14.56 -18.72 34.14
C GLY A 122 13.87 -19.94 33.58
N LEU A 123 14.56 -21.07 33.54
CA LEU A 123 14.07 -22.27 32.94
C LEU A 123 14.70 -23.43 33.64
N ARG A 124 13.94 -24.49 33.85
CA ARG A 124 14.48 -25.74 34.27
C ARG A 124 14.23 -26.70 33.11
N PHE A 125 15.10 -27.68 32.95
CA PHE A 125 15.12 -28.62 31.81
C PHE A 125 15.04 -30.02 32.39
N GLY A 126 14.00 -30.78 32.01
CA GLY A 126 13.81 -32.10 32.58
C GLY A 126 14.48 -33.18 31.78
N ALA A 127 14.09 -34.41 32.11
CA ALA A 127 14.55 -35.60 31.48
C ALA A 127 14.03 -35.72 30.07
N ASN A 128 12.93 -35.02 29.77
CA ASN A 128 12.33 -35.07 28.46
C ASN A 128 12.79 -33.94 27.53
N SER A 129 13.77 -33.11 27.92
CA SER A 129 14.07 -31.88 27.13
C SER A 129 14.93 -32.26 25.94
N VAL A 130 15.38 -31.27 25.12
CA VAL A 130 16.22 -31.59 23.92
C VAL A 130 17.69 -31.63 24.35
N LEU A 131 17.96 -31.05 25.53
CA LEU A 131 19.31 -30.88 26.09
C LEU A 131 19.78 -32.12 26.81
N LYS A 132 21.08 -32.36 26.90
CA LYS A 132 21.59 -33.53 27.64
C LYS A 132 21.20 -33.39 29.11
N PRO A 133 20.94 -34.51 29.82
CA PRO A 133 20.30 -34.40 31.17
C PRO A 133 21.07 -33.63 32.23
N GLU A 134 22.40 -33.58 32.15
CA GLU A 134 23.17 -32.82 33.12
C GLU A 134 22.87 -31.34 33.08
N ILE A 135 22.34 -30.85 31.96
CA ILE A 135 22.03 -29.44 31.84
C ILE A 135 20.64 -29.36 32.38
N LYS A 136 20.45 -28.60 33.47
CA LYS A 136 19.15 -28.60 34.15
C LYS A 136 18.61 -27.25 34.34
N ARG A 137 19.35 -26.23 33.95
CA ARG A 137 18.89 -24.89 34.20
C ARG A 137 19.22 -23.95 33.03
N GLY A 138 18.46 -22.89 32.89
CA GLY A 138 18.75 -21.92 31.90
C GLY A 138 18.00 -20.66 32.08
N PHE A 139 18.02 -19.86 31.01
CA PHE A 139 17.36 -18.58 30.89
C PHE A 139 16.78 -18.42 29.47
N GLU A 140 15.79 -17.56 29.38
CA GLU A 140 15.11 -17.29 28.13
C GLU A 140 14.91 -15.81 28.03
N TYR A 141 15.17 -15.26 26.85
CA TYR A 141 14.94 -13.85 26.60
C TYR A 141 14.58 -13.67 25.13
N SER A 142 14.32 -12.43 24.75
CA SER A 142 13.89 -12.01 23.42
C SER A 142 14.90 -11.31 22.48
N ASP A 143 14.75 -11.49 21.18
CA ASP A 143 15.52 -10.74 20.18
C ASP A 143 14.76 -11.06 18.87
N CYS A 144 15.24 -10.58 17.72
CA CYS A 144 14.47 -10.76 16.51
C CYS A 144 15.28 -11.41 15.40
N TRP A 145 14.58 -11.86 14.37
CA TRP A 145 15.17 -12.58 13.23
C TRP A 145 14.74 -11.77 12.08
N VAL A 146 15.62 -11.53 11.12
CA VAL A 146 15.27 -10.88 9.88
C VAL A 146 15.85 -11.64 8.65
N ASP A 147 15.14 -11.56 7.54
CA ASP A 147 15.63 -12.10 6.24
C ASP A 147 16.58 -11.09 5.64
N ASP A 148 17.86 -11.25 5.98
CA ASP A 148 18.88 -10.24 5.76
C ASP A 148 18.93 -9.73 4.34
N ALA A 149 19.07 -10.65 3.39
CA ALA A 149 19.23 -10.25 2.02
C ALA A 149 18.00 -9.46 1.53
N ARG A 150 16.83 -9.85 2.03
CA ARG A 150 15.58 -9.22 1.66
C ARG A 150 15.51 -7.80 2.23
N LEU A 151 16.04 -7.62 3.42
CA LEU A 151 16.05 -6.28 4.06
C LEU A 151 16.87 -5.32 3.21
N VAL A 152 17.94 -5.83 2.58
CA VAL A 152 18.75 -4.96 1.75
C VAL A 152 17.90 -4.58 0.53
N LEU A 153 17.23 -5.58 -0.03
CA LEU A 153 16.37 -5.44 -1.22
C LEU A 153 15.27 -4.41 -0.89
N ALA A 154 14.66 -4.43 0.32
CA ALA A 154 13.58 -3.45 0.66
C ALA A 154 14.14 -2.02 0.63
N ASN A 155 15.44 -1.88 0.90
CA ASN A 155 16.05 -0.49 0.93
C ASN A 155 16.41 -0.03 -0.45
N ALA A 156 16.85 -0.95 -1.29
CA ALA A 156 17.03 -0.64 -2.73
C ALA A 156 15.75 -0.12 -3.39
N GLN A 157 14.66 -0.77 -3.06
CA GLN A 157 13.33 -0.44 -3.60
C GLN A 157 12.86 0.91 -3.10
N VAL A 159 14.84 3.36 -2.34
CA VAL A 159 15.63 4.31 -3.10
C VAL A 159 14.94 4.66 -4.42
N VAL A 160 14.52 3.65 -5.19
CA VAL A 160 13.86 3.83 -6.50
C VAL A 160 12.53 4.58 -6.30
N ARG A 161 11.82 4.20 -5.26
CA ARG A 161 10.60 4.85 -4.87
C ARG A 161 10.81 6.34 -4.74
N LYS A 162 11.93 6.77 -4.18
CA LYS A 162 12.12 8.19 -3.98
C LYS A 162 12.99 8.80 -5.02
N GLY A 163 13.00 8.23 -6.21
CA GLY A 163 13.64 8.84 -7.36
C GLY A 163 15.11 8.58 -7.46
N GLY A 164 15.62 7.56 -6.74
CA GLY A 164 17.04 7.20 -6.80
C GLY A 164 17.25 6.26 -7.95
N GLU A 165 18.49 5.99 -8.29
CA GLU A 165 18.78 5.00 -9.32
C GLU A 165 19.64 3.93 -8.61
N VAL A 166 19.48 2.67 -9.00
CA VAL A 166 20.23 1.59 -8.39
C VAL A 166 20.67 0.82 -9.59
N LEU A 167 22.00 0.72 -9.79
CA LEU A 167 22.59 -0.12 -10.83
C LEU A 167 23.22 -1.32 -10.15
N THR A 168 23.06 -2.53 -10.68
CA THR A 168 23.83 -3.65 -10.16
C THR A 168 24.70 -4.17 -11.30
N ARG A 169 25.53 -5.18 -11.01
CA ARG A 169 26.45 -5.71 -12.02
C ARG A 169 27.32 -4.57 -12.63
N THR A 170 27.50 -3.52 -11.82
CA THR A 170 28.32 -2.31 -12.16
C THR A 170 29.34 -1.94 -11.09
N ARG A 171 30.63 -2.14 -11.38
CA ARG A 171 31.71 -1.94 -10.46
C ARG A 171 32.39 -0.59 -10.68
N ALA A 172 32.45 0.24 -9.63
CA ALA A 172 33.15 1.54 -9.61
C ALA A 172 34.62 1.18 -9.60
N THR A 173 35.38 1.85 -10.45
CA THR A 173 36.76 1.46 -10.74
C THR A 173 37.61 2.62 -10.28
N SER A 174 37.07 3.83 -10.35
CA SER A 174 37.67 4.93 -9.58
C SER A 174 36.78 6.11 -9.17
N ALA A 175 37.33 6.94 -8.29
CA ALA A 175 36.69 8.17 -7.89
C ALA A 175 37.83 9.17 -7.59
N ARG A 176 37.68 10.37 -8.13
CA ARG A 176 38.69 11.43 -7.96
C ARG A 176 37.97 12.77 -7.79
N ARG A 177 38.50 13.61 -6.93
CA ARG A 177 37.96 14.95 -6.83
C ARG A 177 38.48 15.79 -8.00
N GLU A 178 37.58 16.49 -8.68
CA GLU A 178 37.98 17.39 -9.79
C GLU A 178 37.12 18.65 -9.91
N ASN A 179 37.72 19.81 -9.60
CA ASN A 179 37.02 21.11 -9.66
C ASN A 179 35.81 21.22 -8.73
N GLY A 180 35.92 20.76 -7.51
CA GLY A 180 34.77 20.83 -6.61
C GLY A 180 33.81 19.63 -6.64
N LEU A 181 33.94 18.78 -7.63
CA LEU A 181 33.07 17.62 -7.81
C LEU A 181 33.83 16.27 -7.80
N TRP A 182 33.09 15.16 -7.61
CA TRP A 182 33.62 13.84 -7.79
C TRP A 182 33.38 13.46 -9.25
N ILE A 183 34.32 12.80 -9.86
CA ILE A 183 34.13 12.09 -11.07
C ILE A 183 34.19 10.61 -10.62
N VAL A 184 33.10 9.88 -10.81
CA VAL A 184 33.10 8.45 -10.51
C VAL A 184 33.02 7.75 -11.83
N GLU A 185 33.95 6.79 -12.03
CA GLU A 185 33.89 5.86 -13.13
C GLU A 185 33.54 4.42 -12.71
N ALA A 186 32.74 3.73 -13.52
CA ALA A 186 32.30 2.36 -13.25
C ALA A 186 32.23 1.63 -14.58
N GLU A 187 31.99 0.34 -14.52
CA GLU A 187 32.19 -0.50 -15.65
C GLU A 187 31.21 -1.64 -15.44
N ASP A 188 30.50 -2.01 -16.48
CA ASP A 188 29.47 -3.02 -16.31
C ASP A 188 30.23 -4.34 -16.44
N ILE A 189 30.07 -5.24 -15.45
CA ILE A 189 30.97 -6.37 -15.36
C ILE A 189 30.77 -7.40 -16.50
N ASP A 190 29.57 -7.42 -17.11
CA ASP A 190 29.25 -8.32 -18.24
C ASP A 190 29.69 -7.72 -19.58
N THR A 191 29.11 -6.58 -19.98
CA THR A 191 29.29 -5.98 -21.31
C THR A 191 30.53 -5.09 -21.47
N GLY A 192 31.22 -4.83 -20.35
CA GLY A 192 32.38 -3.94 -20.34
C GLY A 192 32.02 -2.51 -20.63
N LYS A 193 30.74 -2.17 -20.60
CA LYS A 193 30.33 -0.81 -20.86
C LYS A 193 30.84 0.12 -19.77
N LYS A 194 31.46 1.22 -20.18
CA LYS A 194 31.94 2.25 -19.27
C LYS A 194 30.93 3.28 -18.94
N TYR A 195 31.02 3.83 -17.73
CA TYR A 195 30.13 4.87 -17.26
C TYR A 195 30.95 5.89 -16.52
N SER A 196 30.40 7.09 -16.39
CA SER A 196 31.11 8.18 -15.78
C SER A 196 30.06 9.14 -15.30
N TRP A 197 30.11 9.55 -14.03
CA TRP A 197 29.14 10.49 -13.43
C TRP A 197 29.88 11.54 -12.62
N GLN A 198 29.18 12.61 -12.20
CA GLN A 198 29.75 13.62 -11.32
C GLN A 198 28.90 13.68 -10.14
N ALA A 199 29.46 13.90 -8.98
CA ALA A 199 28.62 14.06 -7.84
C ALA A 199 29.12 15.07 -6.85
N ARG A 200 28.23 15.50 -6.02
CA ARG A 200 28.63 16.44 -5.00
C ARG A 200 29.12 15.77 -3.70
N GLY A 201 28.78 14.52 -3.47
CA GLY A 201 29.19 13.80 -2.25
C GLY A 201 29.43 12.33 -2.65
N LEU A 202 30.23 11.56 -1.89
CA LEU A 202 30.53 10.14 -2.21
C LEU A 202 30.45 9.37 -0.93
N VAL A 203 29.70 8.26 -0.93
CA VAL A 203 29.75 7.30 0.20
C VAL A 203 30.57 6.04 -0.25
N ASN A 204 31.61 5.72 0.50
CA ASN A 204 32.31 4.44 0.35
C ASN A 204 31.74 3.43 1.39
N ALA A 205 30.69 2.69 0.98
CA ALA A 205 30.08 1.65 1.81
C ALA A 205 30.33 0.23 1.23
N THR A 206 31.59 -0.02 0.81
CA THR A 206 31.90 -1.28 0.21
C THR A 206 32.30 -2.37 1.21
N GLY A 207 32.10 -2.17 2.49
CA GLY A 207 32.18 -3.33 3.46
C GLY A 207 33.60 -3.91 3.59
N PRO A 208 33.77 -5.24 3.42
CA PRO A 208 35.15 -5.83 3.41
C PRO A 208 36.14 -5.11 2.47
N TRP A 209 35.66 -4.45 1.44
CA TRP A 209 36.52 -3.79 0.47
C TRP A 209 36.76 -2.36 0.76
N VAL A 210 36.32 -1.83 1.93
CA VAL A 210 36.41 -0.36 2.13
C VAL A 210 37.81 0.23 2.01
N LYS A 211 38.78 -0.49 2.54
CA LYS A 211 40.11 0.09 2.53
C LYS A 211 40.71 -0.17 1.15
N GLN A 212 40.41 -1.31 0.56
CA GLN A 212 40.87 -1.53 -0.81
C GLN A 212 40.36 -0.48 -1.80
N PHE A 213 39.13 0.00 -1.63
CA PHE A 213 38.68 1.06 -2.53
C PHE A 213 39.53 2.38 -2.38
N PHE A 214 39.83 2.81 -1.14
CA PHE A 214 40.84 3.88 -0.91
C PHE A 214 42.12 3.58 -1.65
N ASP A 215 42.69 2.40 -1.44
CA ASP A 215 43.99 2.11 -2.02
C ASP A 215 43.92 2.10 -3.54
N ASP A 216 43.02 1.28 -4.11
CA ASP A 216 43.05 0.98 -5.58
C ASP A 216 42.14 1.91 -6.42
N GLY A 217 41.03 2.35 -5.83
CA GLY A 217 40.09 3.17 -6.53
C GLY A 217 40.33 4.65 -6.38
N HIS A 219 43.31 6.21 -4.53
CA HIS A 219 44.70 6.60 -4.16
C HIS A 219 44.64 7.60 -3.05
N LEU A 220 43.85 7.32 -2.01
CA LEU A 220 43.74 8.18 -0.83
C LEU A 220 44.07 7.32 0.41
N PRO A 221 44.60 7.94 1.50
CA PRO A 221 44.86 7.10 2.68
C PRO A 221 43.56 6.78 3.39
N SER A 222 43.38 5.53 3.82
CA SER A 222 42.19 5.18 4.57
C SER A 222 42.33 5.68 6.02
N PRO A 223 41.28 6.24 6.61
CA PRO A 223 41.33 6.62 8.03
C PRO A 223 41.42 5.46 9.05
N TYR A 224 40.97 4.26 8.68
CA TYR A 224 40.98 3.13 9.59
C TYR A 224 41.45 1.93 8.83
N GLY A 225 42.04 1.00 9.56
CA GLY A 225 42.34 -0.30 9.05
C GLY A 225 41.03 -1.03 9.16
N ILE A 226 41.01 -2.22 8.61
CA ILE A 226 39.84 -3.07 8.69
C ILE A 226 40.42 -4.47 9.06
N ARG A 227 39.74 -5.21 9.93
CA ARG A 227 40.13 -6.58 10.21
C ARG A 227 39.07 -7.43 9.62
N LEU A 228 39.41 -8.40 8.79
CA LEU A 228 38.39 -9.30 8.21
C LEU A 228 38.28 -10.51 9.10
N ILE A 229 37.10 -10.82 9.58
CA ILE A 229 36.98 -11.87 10.50
C ILE A 229 35.90 -12.74 9.97
N LYS A 230 36.31 -13.88 9.44
CA LYS A 230 35.42 -14.83 8.84
C LYS A 230 34.53 -15.47 9.88
N GLY A 231 33.30 -15.78 9.48
CA GLY A 231 32.34 -16.64 10.27
C GLY A 231 31.56 -17.41 9.26
N SER A 232 31.19 -18.67 9.62
CA SER A 232 30.60 -19.63 8.75
C SER A 232 29.39 -20.20 9.48
N HIS A 233 28.44 -20.80 8.75
CA HIS A 233 27.28 -21.33 9.43
C HIS A 233 27.07 -22.65 8.78
N ILE A 234 26.43 -23.61 9.47
CA ILE A 234 26.06 -24.89 8.79
C ILE A 234 24.55 -25.03 8.88
N VAL A 235 23.93 -25.72 7.91
CA VAL A 235 22.45 -25.91 7.98
C VAL A 235 22.14 -27.42 7.97
N VAL A 236 21.21 -27.82 8.84
CA VAL A 236 20.87 -29.25 8.96
C VAL A 236 19.33 -29.40 8.99
N PRO A 237 18.86 -30.59 8.70
CA PRO A 237 17.42 -30.85 8.95
C PRO A 237 17.07 -30.42 10.34
N ARG A 238 15.89 -29.91 10.61
CA ARG A 238 15.72 -29.21 11.86
C ARG A 238 16.02 -30.12 13.02
N VAL A 239 16.75 -29.60 14.02
CA VAL A 239 17.26 -30.50 15.09
C VAL A 239 16.18 -30.87 16.09
N HIS A 240 15.13 -30.07 16.13
CA HIS A 240 14.03 -30.33 17.04
C HIS A 240 12.83 -29.55 16.52
N THR A 241 11.67 -29.78 17.16
CA THR A 241 10.40 -29.22 16.78
C THR A 241 10.00 -27.89 17.52
N GLN A 242 10.84 -27.45 18.44
CA GLN A 242 10.57 -26.26 19.18
C GLN A 242 10.76 -25.00 18.34
N LYS A 243 10.11 -23.91 18.71
CA LYS A 243 10.21 -22.69 17.98
C LYS A 243 11.27 -21.74 18.49
N GLN A 244 11.88 -22.04 19.65
CA GLN A 244 12.98 -21.20 20.23
C GLN A 244 14.36 -21.54 19.69
N ALA A 245 15.18 -20.48 19.54
CA ALA A 245 16.59 -20.56 19.26
C ALA A 245 17.28 -20.87 20.58
N TYR A 246 18.46 -21.50 20.54
CA TYR A 246 19.27 -21.77 21.75
C TYR A 246 20.54 -20.94 21.51
N ILE A 247 21.11 -20.37 22.56
CA ILE A 247 22.40 -19.64 22.53
C ILE A 247 23.26 -20.42 23.44
N LEU A 248 24.35 -21.00 22.95
CA LEU A 248 25.16 -21.95 23.72
C LEU A 248 26.47 -21.32 24.11
N GLN A 249 26.93 -21.60 25.35
CA GLN A 249 28.16 -21.04 25.85
C GLN A 249 29.22 -22.02 25.52
N ASN A 250 30.23 -21.61 24.75
CA ASN A 250 31.31 -22.53 24.40
C ASN A 250 32.44 -22.34 25.41
N GLU A 251 33.29 -23.34 25.49
CA GLU A 251 34.45 -23.33 26.37
C GLU A 251 35.44 -22.16 26.13
N ASP A 252 35.43 -21.57 24.94
CA ASP A 252 36.31 -20.46 24.57
C ASP A 252 35.67 -19.12 24.88
N LYS A 253 34.49 -19.14 25.53
CA LYS A 253 33.65 -17.97 25.88
C LYS A 253 32.84 -17.29 24.79
N ARG A 254 32.87 -17.85 23.58
CA ARG A 254 32.08 -17.35 22.47
C ARG A 254 30.78 -18.16 22.44
N ILE A 255 29.68 -17.53 22.09
CA ILE A 255 28.39 -18.21 22.14
C ILE A 255 28.11 -18.62 20.67
N VAL A 256 27.40 -19.71 20.51
CA VAL A 256 27.06 -20.25 19.21
C VAL A 256 25.52 -20.39 19.23
N PHE A 257 24.84 -20.02 18.13
CA PHE A 257 23.35 -20.18 17.99
C PHE A 257 22.90 -21.38 17.23
N VAL A 258 21.73 -21.90 17.66
CA VAL A 258 20.96 -22.97 16.97
C VAL A 258 19.56 -22.34 16.69
N ILE A 259 19.27 -21.98 15.44
CA ILE A 259 18.17 -21.08 15.09
C ILE A 259 17.27 -21.82 14.18
N PRO A 260 15.95 -21.93 14.53
CA PRO A 260 14.98 -22.58 13.63
C PRO A 260 14.90 -21.77 12.32
N TRP A 261 14.81 -22.41 11.15
CA TRP A 261 14.86 -21.72 9.88
C TRP A 261 13.83 -22.36 8.90
N ASP A 263 10.87 -23.50 9.10
CA ASP A 263 10.01 -24.66 9.60
C ASP A 263 10.59 -26.01 9.27
N GLU A 264 11.75 -26.03 8.64
CA GLU A 264 12.26 -27.29 8.15
C GLU A 264 13.68 -27.49 8.56
N PHE A 265 14.45 -26.40 8.67
CA PHE A 265 15.86 -26.55 9.01
C PHE A 265 16.25 -25.91 10.37
N SER A 266 17.54 -26.11 10.72
CA SER A 266 18.22 -25.39 11.79
C SER A 266 19.52 -24.81 11.24
N ILE A 267 19.78 -23.54 11.48
CA ILE A 267 21.13 -22.96 11.23
C ILE A 267 21.98 -23.03 12.50
N ILE A 268 23.24 -23.50 12.39
CA ILE A 268 24.17 -23.43 13.56
C ILE A 268 25.32 -22.52 13.18
N GLY A 269 25.64 -21.54 14.01
CA GLY A 269 26.72 -20.58 13.66
C GLY A 269 26.93 -19.75 14.90
N THR A 270 28.05 -19.04 14.98
CA THR A 270 29.01 -18.91 13.89
C THR A 270 30.37 -18.99 14.60
N THR A 271 31.41 -18.52 13.96
CA THR A 271 32.80 -18.75 14.34
C THR A 271 33.46 -17.42 14.13
N ASP A 272 34.72 -17.28 14.56
CA ASP A 272 35.51 -15.97 14.46
C ASP A 272 36.91 -16.24 13.97
N VAL A 273 37.21 -16.18 12.69
CA VAL A 273 38.52 -16.74 12.24
C VAL A 273 39.19 -15.59 11.48
N GLU A 274 40.39 -15.15 11.86
CA GLU A 274 40.99 -14.03 11.15
C GLU A 274 41.20 -14.45 9.71
N TYR A 275 40.97 -13.57 8.74
CA TYR A 275 40.95 -13.94 7.33
C TYR A 275 41.84 -12.98 6.54
N LYS A 276 42.53 -13.47 5.51
CA LYS A 276 43.33 -12.67 4.59
C LYS A 276 43.00 -13.11 3.19
N GLY A 277 42.81 -12.18 2.26
CA GLY A 277 42.56 -12.62 0.89
C GLY A 277 41.34 -11.98 0.30
N ASP A 278 40.82 -12.60 -0.75
CA ASP A 278 39.67 -12.12 -1.48
C ASP A 278 38.43 -12.45 -0.66
N PRO A 279 37.65 -11.42 -0.28
CA PRO A 279 36.41 -11.74 0.41
C PRO A 279 35.38 -12.50 -0.46
N LYS A 280 35.61 -12.59 -1.76
CA LYS A 280 34.68 -13.29 -2.60
C LYS A 280 34.88 -14.80 -2.51
N ALA A 281 36.07 -15.22 -2.10
CA ALA A 281 36.41 -16.65 -2.01
C ALA A 281 36.14 -17.33 -0.65
N VAL A 282 35.46 -16.66 0.29
CA VAL A 282 35.49 -17.16 1.62
C VAL A 282 34.63 -18.40 1.59
N LYS A 283 35.09 -19.48 2.24
CA LYS A 283 34.43 -20.79 2.26
C LYS A 283 34.63 -21.39 3.60
N ILE A 284 33.70 -22.22 4.04
CA ILE A 284 33.82 -22.74 5.40
C ILE A 284 35.01 -23.79 5.47
N GLU A 285 35.63 -23.98 6.63
CA GLU A 285 36.62 -25.07 6.58
C GLU A 285 36.37 -26.12 7.61
N GLU A 286 37.10 -27.22 7.43
CA GLU A 286 36.94 -28.43 8.25
C GLU A 286 36.86 -28.09 9.73
N SER A 287 37.80 -27.32 10.26
CA SER A 287 37.77 -27.08 11.74
C SER A 287 36.60 -26.25 12.16
N GLU A 288 36.03 -25.45 11.24
CA GLU A 288 34.84 -24.70 11.60
C GLU A 288 33.65 -25.68 11.78
N ILE A 289 33.48 -26.61 10.86
CA ILE A 289 32.47 -27.59 10.95
C ILE A 289 32.64 -28.33 12.22
N ASN A 290 33.87 -28.78 12.57
CA ASN A 290 34.12 -29.65 13.77
C ASN A 290 33.83 -28.79 14.97
N TYR A 291 34.12 -27.50 14.92
CA TYR A 291 33.84 -26.61 16.04
C TYR A 291 32.34 -26.44 16.34
N LEU A 292 31.56 -26.20 15.28
CA LEU A 292 30.12 -25.93 15.40
C LEU A 292 29.40 -27.23 15.81
N LEU A 293 29.80 -28.35 15.25
CA LEU A 293 29.14 -29.62 15.66
C LEU A 293 29.56 -30.02 17.07
N ASN A 294 30.75 -29.63 17.48
CA ASN A 294 31.15 -29.98 18.80
C ASN A 294 30.26 -29.27 19.83
N VAL A 295 30.10 -27.94 19.73
CA VAL A 295 29.32 -27.16 20.71
C VAL A 295 27.82 -27.57 20.75
N TYR A 296 27.33 -27.90 19.54
CA TYR A 296 25.98 -28.49 19.39
C TYR A 296 25.89 -29.89 20.04
N ASN A 297 26.80 -30.78 19.69
CA ASN A 297 26.72 -32.18 20.17
C ASN A 297 27.03 -32.31 21.68
N THR A 298 27.70 -31.33 22.25
CA THR A 298 27.99 -31.36 23.70
C THR A 298 26.83 -30.84 24.54
N HIS A 299 25.84 -30.20 23.91
CA HIS A 299 24.73 -29.68 24.61
C HIS A 299 23.41 -30.43 24.35
N PHE A 300 23.21 -30.94 23.13
CA PHE A 300 21.91 -31.59 22.74
C PHE A 300 21.99 -33.12 22.70
N LYS A 301 20.88 -33.81 23.00
CA LYS A 301 20.89 -35.25 23.09
C LYS A 301 20.89 -35.88 21.71
N LYS A 302 20.20 -35.25 20.76
CA LYS A 302 20.22 -35.75 19.36
C LYS A 302 21.50 -35.22 18.70
N GLN A 303 22.43 -36.12 18.45
CA GLN A 303 23.73 -35.82 17.94
C GLN A 303 23.69 -35.68 16.43
N LEU A 304 24.56 -34.78 15.91
CA LEU A 304 24.61 -34.51 14.47
C LEU A 304 25.94 -35.03 14.00
N SER A 305 26.02 -35.51 12.77
CA SER A 305 27.31 -35.67 12.15
C SER A 305 27.53 -34.71 10.93
N ARG A 306 28.72 -34.74 10.34
CA ARG A 306 29.05 -34.10 9.09
C ARG A 306 28.06 -34.48 7.96
N ASP A 307 27.61 -35.71 7.99
CA ASP A 307 26.70 -36.25 6.99
C ASP A 307 25.33 -35.58 6.96
N ASP A 308 24.88 -35.04 8.11
CA ASP A 308 23.60 -34.37 8.28
C ASP A 308 23.58 -32.99 7.60
N ILE A 309 24.73 -32.43 7.34
CA ILE A 309 24.80 -31.04 6.90
C ILE A 309 24.23 -30.92 5.49
N VAL A 310 23.26 -30.01 5.27
CA VAL A 310 22.66 -29.89 3.88
C VAL A 310 23.15 -28.71 3.10
N TRP A 311 23.66 -27.68 3.79
CA TRP A 311 24.20 -26.44 3.20
C TRP A 311 25.12 -25.72 4.25
N THR A 312 26.04 -24.87 3.78
CA THR A 312 26.87 -24.06 4.66
C THR A 312 27.05 -22.71 3.94
N TYR A 313 27.31 -21.64 4.68
CA TYR A 313 27.74 -20.39 4.02
C TYR A 313 28.68 -19.72 4.94
N SER A 314 29.37 -18.67 4.39
CA SER A 314 30.48 -18.09 5.03
C SER A 314 30.59 -16.61 4.54
N GLY A 315 30.92 -15.65 5.42
CA GLY A 315 31.25 -14.30 4.93
C GLY A 315 32.30 -13.78 5.82
N VAL A 316 32.87 -12.61 5.50
CA VAL A 316 33.80 -11.94 6.41
C VAL A 316 33.23 -10.68 7.08
N ARG A 317 33.31 -10.57 8.41
CA ARG A 317 32.90 -9.30 9.03
C ARG A 317 33.95 -8.20 8.76
N PRO A 318 33.54 -7.07 8.20
CA PRO A 318 34.59 -6.07 8.11
C PRO A 318 34.54 -5.25 9.43
N LEU A 319 35.40 -5.55 10.37
CA LEU A 319 35.36 -4.88 11.68
C LEU A 319 36.40 -3.80 11.69
N CYS A 320 35.98 -2.61 12.12
CA CYS A 320 36.92 -1.53 12.43
C CYS A 320 38.00 -2.06 13.39
N ASP A 321 39.24 -1.98 12.94
CA ASP A 321 40.42 -2.45 13.68
C ASP A 321 40.71 -1.59 14.94
N ASP A 322 40.24 -2.09 16.08
CA ASP A 322 40.65 -1.55 17.40
C ASP A 322 41.95 -2.23 17.93
N GLU A 323 42.54 -3.11 17.12
CA GLU A 323 43.85 -3.72 17.41
C GLU A 323 43.91 -4.87 18.42
N SER A 324 42.73 -5.29 18.93
CA SER A 324 42.67 -6.40 19.90
C SER A 324 43.36 -7.64 19.38
N ASP A 325 44.05 -8.33 20.28
CA ASP A 325 44.53 -9.70 20.05
C ASP A 325 43.41 -10.66 19.52
N SER A 326 42.39 -10.95 20.33
CA SER A 326 41.40 -11.99 19.99
C SER A 326 40.31 -11.45 19.03
N PRO A 327 40.10 -12.13 17.86
CA PRO A 327 39.06 -11.74 16.90
C PRO A 327 37.68 -11.60 17.52
N GLN A 328 37.34 -12.40 18.51
CA GLN A 328 36.02 -12.31 19.19
C GLN A 328 35.85 -11.08 20.06
N ALA A 329 36.97 -10.45 20.45
CA ALA A 329 36.94 -9.25 21.32
C ALA A 329 36.94 -7.94 20.55
N ILE A 330 37.25 -7.99 19.26
CA ILE A 330 37.15 -6.77 18.40
C ILE A 330 35.76 -6.14 18.55
N THR A 331 35.67 -4.82 18.51
CA THR A 331 34.36 -4.13 18.66
C THR A 331 33.50 -4.38 17.41
N ARG A 332 32.18 -4.50 17.59
CA ARG A 332 31.23 -4.57 16.51
C ARG A 332 30.55 -3.25 16.29
N ASP A 333 30.88 -2.24 17.09
CA ASP A 333 30.34 -0.89 16.81
C ASP A 333 30.90 -0.39 15.46
N TYR A 334 30.19 0.47 14.74
CA TYR A 334 30.71 1.07 13.48
C TYR A 334 31.48 2.39 13.62
N THR A 335 32.31 2.71 12.64
CA THR A 335 32.90 4.05 12.63
C THR A 335 32.65 4.73 11.29
N LEU A 336 32.16 5.97 11.29
CA LEU A 336 32.05 6.74 10.04
C LEU A 336 33.09 7.81 10.01
N ASP A 337 33.75 7.96 8.87
CA ASP A 337 34.67 9.04 8.71
C ASP A 337 34.17 9.95 7.62
N ILE A 338 34.20 11.27 7.83
CA ILE A 338 33.92 12.19 6.73
C ILE A 338 35.05 13.22 6.44
N HIS A 339 35.26 13.58 5.18
CA HIS A 339 36.35 14.50 4.81
C HIS A 339 36.13 15.23 3.45
N ASP A 340 36.40 16.52 3.45
CA ASP A 340 36.29 17.30 2.23
C ASP A 340 37.62 17.88 1.88
N GLU A 341 37.61 18.73 0.85
CA GLU A 341 38.82 19.43 0.42
C GLU A 341 38.67 20.93 0.69
N ASN A 342 38.34 21.68 -0.36
CA ASN A 342 38.10 23.09 -0.21
C ASN A 342 36.66 23.43 0.21
N GLY A 343 36.21 22.71 1.23
CA GLY A 343 34.82 22.67 1.78
C GLY A 343 33.78 21.99 0.88
N LYS A 344 34.25 21.36 -0.20
CA LYS A 344 33.40 20.65 -1.13
C LYS A 344 33.77 19.14 -1.25
N ALA A 345 33.04 18.42 -2.11
CA ALA A 345 33.30 17.01 -2.40
C ALA A 345 33.58 16.16 -1.15
N PRO A 346 32.64 16.10 -0.20
CA PRO A 346 32.89 15.29 1.01
C PRO A 346 32.96 13.85 0.59
N LEU A 347 33.63 13.02 1.38
CA LEU A 347 33.66 11.55 1.22
C LEU A 347 33.26 10.98 2.52
N LEU A 348 32.14 10.24 2.59
CA LEU A 348 31.82 9.51 3.82
C LEU A 348 32.19 8.02 3.65
N SER A 349 32.84 7.42 4.65
CA SER A 349 33.29 6.04 4.51
C SER A 349 32.78 5.32 5.68
N VAL A 350 32.52 4.06 5.52
CA VAL A 350 31.85 3.33 6.60
C VAL A 350 32.69 2.18 7.00
N PHE A 351 33.01 2.04 8.29
CA PHE A 351 33.81 0.94 8.73
C PHE A 351 32.99 0.18 9.68
N GLY A 352 32.73 -1.08 9.38
CA GLY A 352 31.99 -1.89 10.35
C GLY A 352 30.50 -1.55 10.19
N GLY A 353 29.71 -2.04 11.14
CA GLY A 353 28.26 -1.77 11.18
C GLY A 353 27.35 -3.00 11.04
N LYS A 354 26.90 -3.58 12.15
CA LYS A 354 25.90 -4.65 12.12
C LYS A 354 24.65 -4.44 11.23
N LEU A 355 23.93 -5.50 10.93
CA LEU A 355 22.72 -5.34 10.17
C LEU A 355 21.79 -4.60 11.14
N THR A 356 21.76 -5.05 12.38
CA THR A 356 20.89 -4.49 13.42
C THR A 356 20.85 -2.93 13.41
N THR A 357 22.02 -2.33 13.38
CA THR A 357 22.23 -0.87 13.49
C THR A 357 22.21 -0.08 12.22
N TYR A 358 21.91 -0.69 11.06
CA TYR A 358 22.09 0.07 9.80
C TYR A 358 21.26 1.38 9.67
N ARG A 359 20.05 1.42 10.21
CA ARG A 359 19.23 2.62 9.98
C ARG A 359 19.82 3.78 10.76
N LYS A 360 20.33 3.50 11.93
CA LYS A 360 20.93 4.50 12.75
C LYS A 360 22.28 4.87 12.21
N LEU A 361 23.04 3.91 11.70
CA LEU A 361 24.25 4.24 10.96
C LEU A 361 23.89 5.23 9.89
N ALA A 362 22.84 4.93 9.14
CA ALA A 362 22.49 5.74 7.97
C ALA A 362 22.07 7.15 8.37
N GLU A 363 21.47 7.26 9.55
CA GLU A 363 20.97 8.55 10.04
C GLU A 363 22.19 9.41 10.46
N HIS A 364 23.11 8.81 11.21
CA HIS A 364 24.40 9.45 11.51
C HIS A 364 25.17 9.89 10.28
N ALA A 365 25.19 9.09 9.20
CA ALA A 365 25.88 9.50 7.97
C ALA A 365 25.27 10.73 7.33
N LEU A 366 23.95 10.86 7.45
CA LEU A 366 23.31 11.98 6.83
C LEU A 366 23.44 13.20 7.73
N GLU A 367 23.55 13.00 9.03
CA GLU A 367 23.91 14.10 9.94
C GLU A 367 25.22 14.78 9.41
N LYS A 368 26.27 13.99 9.16
CA LYS A 368 27.53 14.50 8.62
C LYS A 368 27.50 15.06 7.20
N LEU A 369 26.64 14.57 6.29
CA LEU A 369 26.62 15.19 4.97
C LEU A 369 25.72 16.42 4.86
N THR A 370 24.97 16.73 5.92
CA THR A 370 23.98 17.82 5.81
C THR A 370 24.63 19.18 5.44
N PRO A 371 25.64 19.66 6.23
CA PRO A 371 26.32 20.90 5.83
C PRO A 371 26.56 21.06 4.33
N TYR A 372 26.70 19.97 3.60
CA TYR A 372 27.07 20.05 2.18
C TYR A 372 25.85 20.19 1.29
N TYR A 373 24.70 20.03 1.94
CA TYR A 373 23.43 20.01 1.23
C TYR A 373 22.48 21.04 1.92
N GLN A 374 21.37 21.35 1.28
CA GLN A 374 20.67 22.68 1.39
C GLN A 374 19.77 23.01 2.62
N GLY A 375 18.45 23.05 2.47
CA GLY A 375 17.72 22.54 1.32
C GLY A 375 17.31 21.13 1.65
N ILE A 376 18.20 20.41 2.36
CA ILE A 376 18.11 18.97 2.62
C ILE A 376 17.06 18.70 3.69
N GLY A 377 16.22 17.69 3.45
CA GLY A 377 15.13 17.41 4.37
C GLY A 377 15.64 16.93 5.72
N PRO A 378 14.74 16.84 6.71
CA PRO A 378 15.21 16.22 7.93
C PRO A 378 15.20 14.67 7.84
N ALA A 379 15.74 14.07 8.89
CA ALA A 379 15.56 12.66 9.19
C ALA A 379 14.06 12.28 9.10
N TRP A 380 13.80 11.01 8.75
CA TRP A 380 12.45 10.54 8.48
C TRP A 380 12.24 9.02 8.49
N THR A 381 13.28 8.20 8.72
CA THR A 381 13.13 6.73 8.46
C THR A 381 12.55 5.96 9.62
N LYS A 382 12.67 6.51 10.81
CA LYS A 382 12.05 5.94 11.98
C LYS A 382 10.53 5.75 11.80
N GLU A 383 9.92 6.64 11.00
CA GLU A 383 8.48 6.70 10.71
C GLU A 383 8.06 5.79 9.57
N SER A 384 8.97 5.44 8.67
CA SER A 384 8.52 4.86 7.41
C SER A 384 8.22 3.38 7.53
N VAL A 385 7.93 2.77 6.40
CA VAL A 385 7.52 1.39 6.35
C VAL A 385 8.04 0.99 5.04
N LEU A 386 8.96 0.02 5.10
CA LEU A 386 9.73 -0.30 3.92
C LEU A 386 8.78 -0.94 2.87
N PRO A 387 9.11 -0.83 1.61
CA PRO A 387 8.33 -1.48 0.61
C PRO A 387 8.08 -2.91 1.00
N GLY A 388 6.81 -3.37 0.96
CA GLY A 388 6.46 -4.78 1.14
C GLY A 388 5.94 -4.85 2.57
N GLY A 389 6.19 -3.81 3.34
CA GLY A 389 5.93 -3.85 4.74
C GLY A 389 4.54 -3.51 5.15
N ALA A 390 3.69 -3.18 4.22
CA ALA A 390 2.37 -2.69 4.59
C ALA A 390 1.34 -3.77 4.70
N ILE A 391 1.48 -4.58 5.71
CA ILE A 391 0.56 -5.64 5.90
C ILE A 391 -0.20 -5.15 7.08
N GLU A 392 -1.49 -5.01 6.91
CA GLU A 392 -2.25 -4.40 7.95
C GLU A 392 -2.29 -5.34 9.13
N GLY A 393 -1.11 -5.83 9.53
CA GLY A 393 -1.02 -6.66 10.72
C GLY A 393 0.15 -7.61 10.91
N ASP A 394 -0.11 -8.88 10.70
CA ASP A 394 0.73 -9.99 11.05
C ASP A 394 1.03 -10.74 9.78
N ARG A 395 2.15 -11.44 9.68
CA ARG A 395 2.40 -12.17 8.47
C ARG A 395 1.63 -13.42 8.32
N ASP A 396 1.27 -14.03 9.43
CA ASP A 396 0.44 -15.21 9.35
C ASP A 396 -0.96 -14.81 8.99
N ASP A 397 -1.31 -13.60 9.41
CA ASP A 397 -2.55 -12.94 9.03
C ASP A 397 -2.40 -11.95 7.87
N TYR A 398 -1.57 -12.24 6.89
CA TYR A 398 -1.61 -11.54 5.66
C TYR A 398 -1.63 -12.67 4.72
N ALA A 399 -1.11 -13.80 5.20
CA ALA A 399 -1.07 -15.02 4.42
C ALA A 399 -2.47 -15.61 4.32
N ALA A 400 -3.27 -15.35 5.34
CA ALA A 400 -4.65 -15.83 5.32
C ALA A 400 -5.49 -14.91 4.46
N ARG A 401 -5.27 -13.63 4.62
CA ARG A 401 -5.96 -12.57 3.86
C ARG A 401 -5.58 -12.62 2.39
N LEU A 402 -4.49 -13.29 2.05
CA LEU A 402 -4.00 -13.31 0.68
C LEU A 402 -4.68 -14.44 0.02
N ARG A 403 -4.78 -15.55 0.72
CA ARG A 403 -5.41 -16.73 0.17
C ARG A 403 -6.92 -16.56 0.05
N ARG A 404 -7.51 -15.75 0.92
CA ARG A 404 -8.92 -15.30 0.80
C ARG A 404 -9.20 -14.50 -0.45
N ARG A 405 -8.27 -13.68 -0.94
CA ARG A 405 -8.53 -13.07 -2.23
C ARG A 405 -7.91 -13.72 -3.45
N TYR A 406 -6.95 -14.62 -3.22
CA TYR A 406 -6.47 -15.45 -4.31
C TYR A 406 -6.67 -16.86 -3.87
N PRO A 407 -7.91 -17.38 -3.88
CA PRO A 407 -7.99 -18.67 -3.20
C PRO A 407 -7.49 -19.88 -4.05
N PHE A 408 -6.99 -19.66 -5.27
CA PHE A 408 -6.21 -20.71 -5.98
C PHE A 408 -4.76 -20.97 -5.42
N LEU A 409 -4.33 -20.14 -4.47
CA LEU A 409 -3.05 -20.29 -3.83
C LEU A 409 -3.17 -21.31 -2.72
N THR A 410 -2.38 -22.37 -2.82
CA THR A 410 -2.17 -23.29 -1.67
C THR A 410 -1.72 -22.53 -0.41
N GLU A 411 -1.82 -23.17 0.74
CA GLU A 411 -1.46 -22.49 1.95
C GLU A 411 0.07 -22.32 2.03
N SER A 412 0.87 -23.21 1.40
CA SER A 412 2.32 -23.07 1.45
C SER A 412 2.78 -21.90 0.55
N LEU A 413 2.21 -21.76 -0.65
CA LEU A 413 2.51 -20.67 -1.56
C LEU A 413 2.03 -19.36 -0.97
N ALA A 414 0.86 -19.30 -0.36
CA ALA A 414 0.46 -18.04 0.29
C ALA A 414 1.42 -17.57 1.39
N ARG A 415 1.77 -18.49 2.25
CA ARG A 415 2.78 -18.29 3.31
C ARG A 415 4.12 -17.79 2.72
N HIS A 416 4.61 -18.41 1.65
CA HIS A 416 5.82 -17.94 1.01
C HIS A 416 5.66 -16.50 0.50
N TYR A 417 4.60 -16.21 -0.26
CA TYR A 417 4.45 -14.87 -0.81
C TYR A 417 4.36 -13.88 0.29
N ALA A 418 3.67 -14.21 1.34
CA ALA A 418 3.49 -13.24 2.42
C ALA A 418 4.78 -12.92 3.18
N ARG A 419 5.56 -13.99 3.45
CA ARG A 419 6.82 -13.89 4.18
C ARG A 419 8.00 -13.40 3.35
N THR A 420 7.82 -13.30 2.03
CA THR A 420 8.86 -12.85 1.10
C THR A 420 8.49 -11.48 0.55
N TYR A 421 7.35 -11.45 -0.13
CA TYR A 421 6.91 -10.24 -0.81
C TYR A 421 6.07 -9.28 -0.03
N GLY A 422 5.34 -9.76 0.96
CA GLY A 422 4.46 -8.90 1.79
C GLY A 422 3.46 -8.18 0.88
N SER A 423 3.19 -6.92 1.19
CA SER A 423 2.28 -6.15 0.38
C SER A 423 2.68 -6.00 -1.09
N ASN A 424 3.87 -6.40 -1.50
CA ASN A 424 4.14 -6.47 -2.97
C ASN A 424 3.55 -7.73 -3.62
N SER A 425 3.00 -8.66 -2.82
CA SER A 425 2.37 -9.86 -3.44
C SER A 425 1.37 -9.57 -4.57
N GLU A 426 0.52 -8.55 -4.41
CA GLU A 426 -0.43 -8.18 -5.48
C GLU A 426 0.23 -7.69 -6.75
N LEU A 427 1.41 -7.10 -6.64
CA LEU A 427 2.11 -6.70 -7.87
C LEU A 427 2.69 -7.90 -8.58
N LEU A 428 3.11 -8.91 -7.79
CA LEU A 428 3.59 -10.16 -8.38
C LEU A 428 2.41 -10.93 -9.02
N LEU A 429 1.34 -11.07 -8.29
CA LEU A 429 0.27 -11.92 -8.82
C LEU A 429 -0.50 -11.24 -10.00
N GLY A 430 -0.42 -9.92 -10.12
CA GLY A 430 -1.07 -9.15 -11.20
C GLY A 430 -2.50 -9.62 -11.39
N ASN A 431 -2.80 -10.02 -12.62
CA ASN A 431 -4.17 -10.44 -12.98
C ASN A 431 -4.42 -11.96 -13.02
N ALA A 432 -3.57 -12.74 -12.35
CA ALA A 432 -3.70 -14.18 -12.26
C ALA A 432 -4.95 -14.56 -11.47
N GLY A 433 -5.66 -15.58 -11.93
CA GLY A 433 -6.86 -16.07 -11.26
C GLY A 433 -6.94 -17.59 -11.13
N THR A 434 -6.00 -18.29 -11.80
CA THR A 434 -5.72 -19.69 -11.57
C THR A 434 -4.21 -19.94 -11.37
N VAL A 435 -3.86 -21.13 -10.89
CA VAL A 435 -2.45 -21.60 -10.84
C VAL A 435 -1.79 -21.64 -12.21
N SER A 436 -2.55 -22.02 -13.23
CA SER A 436 -1.94 -22.10 -14.56
C SER A 436 -1.57 -20.68 -15.12
N ASP A 437 -2.24 -19.63 -14.61
CA ASP A 437 -1.89 -18.19 -14.81
C ASP A 437 -0.53 -17.81 -14.25
N LEU A 438 0.06 -18.70 -13.46
CA LEU A 438 1.37 -18.45 -12.87
C LEU A 438 2.49 -18.87 -13.79
N GLY A 439 2.21 -19.67 -14.79
CA GLY A 439 3.25 -19.96 -15.76
C GLY A 439 4.01 -21.22 -15.39
N GLU A 440 5.12 -21.44 -16.06
CA GLU A 440 5.95 -22.61 -15.86
C GLU A 440 6.24 -22.83 -14.38
N ASP A 441 6.19 -24.10 -13.97
CA ASP A 441 6.51 -24.47 -12.60
C ASP A 441 7.96 -24.82 -12.61
N PHE A 442 8.77 -24.13 -11.79
CA PHE A 442 10.22 -24.37 -11.92
C PHE A 442 10.62 -25.39 -10.90
N GLY A 443 9.76 -25.65 -9.94
CA GLY A 443 10.00 -26.69 -8.94
C GLY A 443 9.66 -26.03 -7.62
N HIS A 444 9.14 -26.78 -6.64
CA HIS A 444 8.82 -26.26 -5.30
C HIS A 444 7.90 -25.04 -5.32
N GLU A 445 6.94 -24.94 -6.28
CA GLU A 445 5.95 -23.85 -6.32
C GLU A 445 6.66 -22.50 -6.56
N PHE A 446 7.77 -22.54 -7.29
CA PHE A 446 8.47 -21.32 -7.72
C PHE A 446 8.10 -21.19 -9.16
N TYR A 447 7.11 -20.33 -9.45
CA TYR A 447 6.55 -20.23 -10.78
C TYR A 447 7.15 -19.09 -11.57
N GLU A 448 7.03 -19.14 -12.89
CA GLU A 448 7.44 -18.05 -13.76
C GLU A 448 6.89 -16.65 -13.39
N ALA A 449 5.73 -16.55 -12.78
CA ALA A 449 5.20 -15.27 -12.37
C ALA A 449 6.05 -14.62 -11.28
N GLU A 450 6.67 -15.47 -10.46
CA GLU A 450 7.55 -15.02 -9.37
C GLU A 450 8.87 -14.59 -9.97
N LEU A 451 9.39 -15.42 -10.86
CA LEU A 451 10.68 -15.21 -11.41
C LEU A 451 10.63 -13.98 -12.25
N LYS A 452 9.62 -13.83 -13.10
CA LYS A 452 9.42 -12.62 -13.91
C LYS A 452 9.33 -11.40 -13.01
N TYR A 453 8.55 -11.49 -11.97
CA TYR A 453 8.50 -10.36 -11.05
C TYR A 453 9.88 -9.95 -10.45
N LEU A 454 10.73 -10.93 -10.21
CA LEU A 454 12.03 -10.71 -9.50
C LEU A 454 12.94 -9.98 -10.46
N VAL A 455 12.84 -10.33 -11.73
CA VAL A 455 13.68 -9.71 -12.71
C VAL A 455 13.22 -8.26 -12.93
N ASP A 456 11.90 -8.11 -13.10
CA ASP A 456 11.27 -6.81 -13.38
C ASP A 456 11.38 -5.92 -12.14
N HIS A 457 11.29 -6.45 -10.92
CA HIS A 457 11.25 -5.47 -9.80
C HIS A 457 12.23 -5.64 -8.68
N GLU A 458 13.07 -6.68 -8.76
CA GLU A 458 14.03 -7.03 -7.68
C GLU A 458 15.48 -7.20 -8.19
N TRP A 459 15.75 -6.68 -9.37
CA TRP A 459 17.11 -6.66 -9.96
C TRP A 459 17.78 -8.00 -10.24
N VAL A 460 16.96 -9.05 -10.36
CA VAL A 460 17.50 -10.38 -10.63
C VAL A 460 18.08 -10.47 -12.05
N ARG A 461 19.31 -10.95 -12.15
CA ARG A 461 19.95 -11.08 -13.45
C ARG A 461 20.45 -12.51 -13.66
N ARG A 462 20.85 -13.20 -12.58
CA ARG A 462 21.32 -14.60 -12.58
C ARG A 462 20.55 -15.48 -11.60
N ALA A 463 20.61 -16.79 -11.83
CA ALA A 463 19.77 -17.74 -11.02
C ALA A 463 20.00 -17.63 -9.53
N ASP A 464 21.25 -17.55 -9.14
CA ASP A 464 21.65 -17.36 -7.73
C ASP A 464 21.04 -16.18 -7.02
N ASP A 465 20.92 -15.02 -7.71
CA ASP A 465 20.15 -13.87 -7.17
C ASP A 465 18.77 -14.26 -6.66
N ALA A 466 18.09 -15.01 -7.47
CA ALA A 466 16.71 -15.36 -7.35
C ALA A 466 16.57 -16.48 -6.32
N LEU A 467 17.50 -17.44 -6.41
CA LEU A 467 17.35 -18.69 -5.65
C LEU A 467 18.09 -18.66 -4.32
N TRP A 468 19.00 -17.72 -4.11
CA TRP A 468 19.79 -17.70 -2.88
C TRP A 468 19.72 -16.37 -2.12
N ARG A 469 19.29 -15.32 -2.80
CA ARG A 469 19.22 -13.99 -2.20
C ARG A 469 17.78 -13.50 -2.07
N ARG A 470 17.09 -13.38 -3.20
CA ARG A 470 15.72 -12.90 -3.20
C ARG A 470 14.80 -13.92 -2.54
N THR A 471 15.24 -15.17 -2.50
CA THR A 471 14.41 -16.31 -1.84
C THR A 471 15.43 -17.34 -1.38
N LYS A 472 15.02 -18.42 -0.71
CA LYS A 472 15.97 -19.47 -0.38
C LYS A 472 15.55 -20.75 -1.10
N GLN A 473 14.89 -20.60 -2.26
CA GLN A 473 14.46 -21.75 -3.08
C GLN A 473 15.59 -22.63 -3.50
N GLY A 474 16.80 -22.06 -3.61
CA GLY A 474 17.97 -22.92 -3.92
C GLY A 474 18.02 -24.07 -2.89
N TRP A 476 15.78 -26.19 -2.25
CA TRP A 476 14.88 -27.30 -2.64
C TRP A 476 15.02 -27.70 -4.11
N LEU A 477 15.55 -26.84 -4.99
CA LEU A 477 15.54 -27.14 -6.43
C LEU A 477 16.76 -27.99 -6.77
N ASN A 478 16.60 -29.05 -7.57
CA ASN A 478 17.80 -29.79 -7.92
C ASN A 478 18.68 -29.10 -8.95
N ALA A 479 19.80 -29.70 -9.32
CA ALA A 479 20.74 -29.18 -10.29
C ALA A 479 20.13 -28.87 -11.66
N ASP A 480 19.29 -29.78 -12.15
CA ASP A 480 18.74 -29.56 -13.47
C ASP A 480 17.58 -28.57 -13.41
N GLN A 481 16.85 -28.52 -12.27
CA GLN A 481 15.89 -27.41 -12.00
C GLN A 481 16.54 -26.05 -11.95
N GLN A 482 17.73 -25.96 -11.38
CA GLN A 482 18.42 -24.67 -11.33
C GLN A 482 19.00 -24.21 -12.68
N SER A 483 19.44 -25.14 -13.52
CA SER A 483 19.93 -24.67 -14.82
C SER A 483 18.80 -24.25 -15.72
N ARG A 484 17.63 -24.81 -15.55
CA ARG A 484 16.43 -24.32 -16.21
C ARG A 484 16.08 -22.90 -15.85
N VAL A 485 16.14 -22.55 -14.56
CA VAL A 485 15.92 -21.18 -14.13
C VAL A 485 16.94 -20.33 -14.84
N SER A 486 18.21 -20.69 -14.87
CA SER A 486 19.20 -19.86 -15.61
C SER A 486 18.93 -19.78 -17.10
N GLN A 487 18.38 -20.87 -17.65
CA GLN A 487 18.03 -20.92 -19.08
C GLN A 487 16.92 -19.88 -19.35
N TRP A 488 15.83 -19.92 -18.59
CA TRP A 488 14.74 -18.97 -18.69
C TRP A 488 15.23 -17.54 -18.55
N LEU A 489 16.14 -17.28 -17.62
CA LEU A 489 16.65 -15.92 -17.36
C LEU A 489 17.46 -15.42 -18.57
N VAL A 490 18.23 -16.31 -19.18
CA VAL A 490 18.86 -15.97 -20.45
C VAL A 490 17.79 -15.58 -21.51
N GLU A 491 16.81 -16.45 -21.73
CA GLU A 491 15.69 -16.19 -22.65
C GLU A 491 14.98 -14.84 -22.36
N TYR A 492 14.61 -14.62 -21.10
CA TYR A 492 13.93 -13.39 -20.77
C TYR A 492 14.81 -12.16 -20.80
N THR A 493 16.04 -12.21 -20.34
CA THR A 493 16.77 -10.96 -20.15
C THR A 493 17.44 -10.58 -21.45
N GLN A 494 16.90 -11.03 -22.57
CA GLN A 494 17.57 -10.69 -23.81
C GLN A 494 17.25 -9.33 -24.50
N MET B 1 -19.99 -25.93 -1.22
CA MET B 1 -21.39 -25.48 -0.97
C MET B 1 -21.55 -23.96 -1.13
N GLU B 2 -22.55 -23.59 -1.93
CA GLU B 2 -22.78 -22.24 -2.43
C GLU B 2 -23.17 -21.16 -1.38
N THR B 3 -23.61 -21.56 -0.19
CA THR B 3 -24.02 -20.58 0.83
C THR B 3 -22.76 -20.05 1.54
N LYS B 4 -22.33 -18.78 1.45
CA LYS B 4 -22.99 -17.50 1.10
C LYS B 4 -23.78 -16.85 2.21
N ASP B 5 -23.14 -16.05 3.05
CA ASP B 5 -23.82 -15.45 4.19
C ASP B 5 -24.75 -14.33 3.75
N LEU B 6 -24.24 -13.46 2.86
CA LEU B 6 -24.97 -12.28 2.47
C LEU B 6 -24.90 -12.08 0.96
N ILE B 7 -26.08 -11.90 0.34
CA ILE B 7 -26.12 -11.35 -1.02
C ILE B 7 -26.63 -9.93 -1.12
N VAL B 8 -25.87 -9.07 -1.83
CA VAL B 8 -26.23 -7.66 -2.02
C VAL B 8 -26.60 -7.53 -3.51
N ILE B 9 -27.81 -7.05 -3.79
CA ILE B 9 -28.34 -6.89 -5.18
C ILE B 9 -28.24 -5.40 -5.33
N GLY B 10 -27.36 -4.95 -6.19
CA GLY B 10 -27.17 -3.53 -6.33
C GLY B 10 -25.76 -3.11 -6.24
N GLY B 11 -25.29 -2.47 -7.33
CA GLY B 11 -23.88 -2.05 -7.52
C GLY B 11 -23.63 -0.58 -7.60
N GLY B 12 -24.41 0.19 -6.83
CA GLY B 12 -24.20 1.53 -6.64
C GLY B 12 -23.65 1.80 -5.30
N ILE B 13 -23.55 3.05 -4.92
CA ILE B 13 -22.89 3.35 -3.65
C ILE B 13 -23.43 2.61 -2.47
N ASN B 14 -24.73 2.40 -2.37
CA ASN B 14 -25.24 1.83 -1.06
C ASN B 14 -25.07 0.33 -1.02
N GLY B 15 -25.17 -0.29 -2.18
CA GLY B 15 -24.85 -1.68 -2.29
C GLY B 15 -23.37 -1.98 -2.10
N ALA B 16 -22.47 -1.15 -2.64
CA ALA B 16 -21.07 -1.49 -2.56
C ALA B 16 -20.62 -1.23 -1.12
N GLY B 17 -21.19 -0.25 -0.49
CA GLY B 17 -20.80 0.09 0.88
C GLY B 17 -21.20 -0.99 1.88
N ILE B 18 -22.46 -1.42 1.85
CA ILE B 18 -22.88 -2.61 2.63
C ILE B 18 -22.07 -3.85 2.39
N ALA B 19 -21.82 -4.19 1.15
CA ALA B 19 -21.09 -5.40 0.81
C ALA B 19 -19.62 -5.37 1.38
N ALA B 20 -18.96 -4.23 1.26
CA ALA B 20 -17.61 -4.04 1.78
C ALA B 20 -17.56 -4.10 3.33
N ASP B 21 -18.41 -3.33 3.99
CA ASP B 21 -18.60 -3.52 5.42
C ASP B 21 -18.81 -5.02 5.70
N ALA B 22 -19.84 -5.61 5.15
CA ALA B 22 -20.05 -7.02 5.46
C ALA B 22 -18.81 -7.89 5.31
N ALA B 23 -18.09 -7.74 4.20
CA ALA B 23 -17.04 -8.70 3.84
C ALA B 23 -15.92 -8.68 4.86
N GLY B 24 -15.78 -7.54 5.53
CA GLY B 24 -14.73 -7.28 6.51
C GLY B 24 -15.20 -7.50 7.93
N ARG B 25 -16.20 -8.35 8.05
CA ARG B 25 -16.70 -8.74 9.35
C ARG B 25 -16.78 -10.24 9.22
N GLY B 26 -16.32 -10.77 8.11
CA GLY B 26 -16.20 -12.18 8.01
C GLY B 26 -17.29 -12.88 7.23
N LEU B 27 -18.33 -12.13 6.84
CA LEU B 27 -19.38 -12.74 6.03
C LEU B 27 -18.84 -13.09 4.62
N SER B 28 -19.28 -14.21 4.06
CA SER B 28 -18.98 -14.49 2.65
C SER B 28 -20.01 -13.71 1.83
N VAL B 29 -19.55 -12.70 1.09
CA VAL B 29 -20.44 -11.78 0.40
C VAL B 29 -20.39 -11.91 -1.12
N LEU B 30 -21.55 -11.79 -1.76
CA LEU B 30 -21.68 -11.77 -3.20
C LEU B 30 -22.53 -10.53 -3.57
N LEU B 32 -24.22 -8.43 -6.61
CA LEU B 32 -24.61 -8.54 -8.01
C LEU B 32 -24.94 -7.18 -8.64
N GLU B 33 -24.56 -6.96 -9.89
CA GLU B 33 -24.92 -5.68 -10.53
C GLU B 33 -25.38 -5.96 -11.91
N ALA B 34 -26.58 -5.47 -12.22
CA ALA B 34 -27.24 -5.78 -13.43
C ALA B 34 -26.46 -5.30 -14.58
N GLN B 35 -25.82 -4.12 -14.45
CA GLN B 35 -25.05 -3.58 -15.60
C GLN B 35 -23.57 -3.25 -15.27
N ASP B 36 -23.22 -2.01 -14.95
CA ASP B 36 -21.88 -1.72 -14.63
C ASP B 36 -22.00 -1.13 -13.24
N LEU B 37 -20.90 -1.09 -12.48
CA LEU B 37 -20.86 -0.42 -11.15
C LEU B 37 -21.10 1.07 -11.27
N ALA B 38 -21.96 1.66 -10.42
CA ALA B 38 -22.28 3.07 -10.57
C ALA B 38 -22.98 3.48 -11.92
N CYS B 39 -23.52 2.53 -12.67
CA CYS B 39 -24.14 2.88 -13.98
C CYS B 39 -25.43 3.69 -13.88
N ALA B 40 -25.96 3.93 -12.65
CA ALA B 40 -27.18 4.70 -12.50
C ALA B 40 -26.99 5.83 -11.54
N THR B 41 -27.83 5.88 -10.54
CA THR B 41 -27.87 7.12 -9.76
C THR B 41 -26.51 7.52 -9.33
N SER B 42 -25.70 6.55 -8.82
CA SER B 42 -24.41 6.87 -8.19
C SER B 42 -23.39 7.46 -9.12
N SER B 43 -23.65 7.53 -10.41
CA SER B 43 -22.76 8.33 -11.26
C SER B 43 -23.44 9.56 -11.84
N ALA B 44 -24.61 9.93 -11.34
CA ALA B 44 -25.29 11.15 -11.84
C ALA B 44 -25.56 12.18 -10.75
N SER B 45 -24.73 12.19 -9.70
CA SER B 45 -24.86 13.06 -8.59
C SER B 45 -24.11 14.39 -8.87
N SER B 46 -24.20 15.38 -7.98
CA SER B 46 -23.48 16.69 -8.10
C SER B 46 -22.02 16.53 -7.62
N LYS B 47 -21.73 15.32 -7.18
CA LYS B 47 -20.38 14.87 -6.74
C LYS B 47 -19.86 15.57 -5.47
N LEU B 48 -20.72 15.83 -4.49
CA LEU B 48 -20.35 16.64 -3.33
C LEU B 48 -20.42 15.85 -2.06
N ILE B 49 -19.43 15.91 -1.18
CA ILE B 49 -19.63 15.35 0.17
C ILE B 49 -20.05 16.61 0.91
N HIS B 50 -21.33 16.71 1.17
CA HIS B 50 -21.84 17.94 1.74
C HIS B 50 -22.66 17.61 2.95
N GLY B 51 -22.82 18.57 3.87
CA GLY B 51 -23.63 18.31 5.07
C GLY B 51 -25.10 18.50 4.76
N GLY B 52 -25.40 19.39 3.82
CA GLY B 52 -26.72 19.53 3.31
C GLY B 52 -27.27 20.81 3.88
N LEU B 53 -26.81 21.92 3.33
CA LEU B 53 -27.10 23.22 3.90
C LEU B 53 -28.57 23.60 3.86
N ARG B 54 -29.19 23.44 2.69
CA ARG B 54 -30.64 23.75 2.53
C ARG B 54 -31.61 22.86 3.34
N TYR B 55 -31.12 21.71 3.82
CA TYR B 55 -31.96 20.81 4.63
C TYR B 55 -32.18 21.37 6.05
N LEU B 56 -31.33 22.31 6.47
CA LEU B 56 -31.52 22.96 7.78
C LEU B 56 -32.86 23.68 7.90
N GLU B 57 -33.24 24.39 6.85
CA GLU B 57 -34.53 25.01 6.72
C GLU B 57 -35.70 24.05 6.94
N HIS B 58 -35.51 22.78 6.59
CA HIS B 58 -36.55 21.75 6.69
C HIS B 58 -36.28 20.89 7.92
N TYR B 59 -35.60 21.52 8.88
CA TYR B 59 -35.27 20.90 10.16
C TYR B 59 -34.93 19.45 9.90
N GLU B 60 -33.66 19.17 9.67
CA GLU B 60 -33.24 17.83 9.27
C GLU B 60 -31.88 17.60 9.86
N PHE B 61 -31.81 17.76 11.17
CA PHE B 61 -30.55 17.79 11.87
C PHE B 61 -29.92 16.41 11.98
N ARG B 62 -30.69 15.36 12.16
CA ARG B 62 -30.01 14.08 12.28
C ARG B 62 -29.18 13.90 11.02
N LEU B 63 -29.78 14.26 9.89
CA LEU B 63 -29.13 14.09 8.59
C LEU B 63 -27.93 15.03 8.41
N VAL B 64 -28.15 16.35 8.53
CA VAL B 64 -27.09 17.36 8.40
C VAL B 64 -25.94 17.11 9.42
N SER B 65 -26.29 16.72 10.65
CA SER B 65 -25.30 16.39 11.64
C SER B 65 -24.45 15.19 11.23
N GLU B 66 -25.06 14.07 10.88
CA GLU B 66 -24.32 12.87 10.48
C GLU B 66 -23.39 13.17 9.31
N ALA B 67 -23.88 14.00 8.40
CA ALA B 67 -23.26 14.18 7.10
C ALA B 67 -22.12 15.16 7.25
N LEU B 68 -22.31 16.21 8.05
CA LEU B 68 -21.18 17.11 8.34
C LEU B 68 -20.02 16.30 8.90
N ALA B 69 -20.30 15.30 9.74
CA ALA B 69 -19.27 14.46 10.40
C ALA B 69 -18.59 13.51 9.44
N GLU B 70 -19.36 12.99 8.50
CA GLU B 70 -18.82 12.09 7.49
C GLU B 70 -17.81 12.73 6.57
N ARG B 71 -17.88 14.05 6.36
CA ARG B 71 -17.00 14.67 5.37
C ARG B 71 -15.55 14.46 5.72
N GLU B 72 -15.19 14.64 6.98
CA GLU B 72 -13.79 14.36 7.39
C GLU B 72 -13.41 12.86 7.42
N VAL B 73 -14.35 11.97 7.72
CA VAL B 73 -14.08 10.57 7.59
C VAL B 73 -13.79 10.12 6.14
N LEU B 74 -14.53 10.65 5.16
CA LEU B 74 -14.38 10.19 3.78
C LEU B 74 -13.12 10.76 3.17
N LEU B 75 -12.80 12.02 3.50
CA LEU B 75 -11.49 12.66 3.11
C LEU B 75 -10.17 11.93 3.55
N LYS B 76 -10.17 11.25 4.71
CA LYS B 76 -9.05 10.36 5.12
C LYS B 76 -9.16 9.00 4.43
N ALA B 78 -10.45 8.30 1.34
CA ALA B 78 -10.30 8.28 -0.10
C ALA B 78 -9.71 9.60 -0.63
N PRO B 79 -8.55 10.00 -0.08
CA PRO B 79 -7.88 11.26 -0.46
C PRO B 79 -7.38 11.33 -1.93
N HIS B 80 -7.29 10.23 -2.63
CA HIS B 80 -7.02 10.37 -4.06
C HIS B 80 -8.21 10.98 -4.83
N ILE B 81 -9.45 10.66 -4.40
CA ILE B 81 -10.60 11.00 -5.23
C ILE B 81 -11.52 12.02 -4.58
N ALA B 82 -11.22 12.39 -3.31
CA ALA B 82 -12.05 13.32 -2.53
C ALA B 82 -11.16 14.48 -2.01
N PHE B 83 -11.63 15.73 -2.04
CA PHE B 83 -10.85 16.86 -1.44
C PHE B 83 -11.73 18.04 -0.98
N PRO B 84 -11.24 18.87 -0.03
CA PRO B 84 -12.05 20.05 0.33
C PRO B 84 -12.27 21.02 -0.82
N ARG B 86 -14.30 25.15 -1.31
CA ARG B 86 -15.07 26.26 -0.68
C ARG B 86 -16.17 26.71 -1.63
N PHE B 87 -17.29 27.13 -1.06
CA PHE B 87 -18.47 27.51 -1.83
C PHE B 87 -18.79 28.94 -1.56
N ARG B 88 -19.05 29.67 -2.59
CA ARG B 88 -19.47 31.02 -2.39
C ARG B 88 -20.97 31.17 -2.61
N LEU B 89 -21.64 31.61 -1.54
CA LEU B 89 -23.04 32.00 -1.51
C LEU B 89 -23.33 33.50 -1.70
N PRO B 90 -23.66 33.97 -2.94
CA PRO B 90 -24.08 35.33 -3.15
C PRO B 90 -25.34 35.66 -2.34
N HIS B 91 -25.48 36.91 -1.95
CA HIS B 91 -26.58 37.30 -1.05
C HIS B 91 -27.74 37.88 -1.87
N ARG B 92 -28.93 37.38 -1.56
CA ARG B 92 -30.11 37.85 -2.26
C ARG B 92 -31.10 38.06 -1.14
N PRO B 93 -31.12 39.28 -0.52
CA PRO B 93 -31.82 39.49 0.79
C PRO B 93 -33.34 39.42 0.65
N HIS B 94 -33.84 39.70 -0.56
CA HIS B 94 -35.23 39.45 -0.88
C HIS B 94 -35.71 38.00 -0.78
N LEU B 95 -34.77 37.05 -0.69
CA LEU B 95 -35.11 35.62 -0.62
C LEU B 95 -34.85 35.02 0.73
N ARG B 96 -33.68 35.34 1.30
CA ARG B 96 -33.33 34.91 2.64
C ARG B 96 -32.63 36.10 3.31
N PRO B 97 -32.86 36.32 4.62
CA PRO B 97 -32.17 37.43 5.20
C PRO B 97 -30.75 37.09 5.67
N ALA B 98 -29.86 38.07 5.62
CA ALA B 98 -28.48 37.86 6.04
C ALA B 98 -28.43 37.28 7.43
N TRP B 99 -29.22 37.79 8.34
CA TRP B 99 -29.19 37.28 9.72
C TRP B 99 -29.44 35.77 9.79
N MET B 100 -30.23 35.28 8.85
CA MET B 100 -30.64 33.87 8.71
C MET B 100 -29.49 33.02 8.15
N ILE B 101 -28.91 33.50 7.06
CA ILE B 101 -27.68 32.89 6.54
C ILE B 101 -26.65 32.78 7.68
N ARG B 102 -26.33 33.91 8.29
CA ARG B 102 -25.34 33.96 9.32
C ARG B 102 -25.60 32.93 10.43
N ILE B 103 -26.85 32.54 10.68
CA ILE B 103 -27.14 31.50 11.71
C ILE B 103 -27.00 30.07 11.23
N GLY B 104 -27.39 29.81 9.97
CA GLY B 104 -27.28 28.44 9.39
C GLY B 104 -25.83 28.02 9.16
N LEU B 105 -25.05 28.97 8.68
CA LEU B 105 -23.59 28.87 8.62
C LEU B 105 -22.94 28.61 10.01
N PHE B 106 -23.50 29.14 11.09
CA PHE B 106 -23.04 28.72 12.44
C PHE B 106 -23.33 27.24 12.74
N MET B 107 -24.55 26.77 12.42
CA MET B 107 -24.91 25.37 12.69
C MET B 107 -24.02 24.41 11.89
N TYR B 108 -23.70 24.81 10.67
CA TYR B 108 -22.90 24.00 9.74
C TYR B 108 -21.49 23.83 10.28
N ASP B 109 -20.98 24.93 10.86
CA ASP B 109 -19.66 24.91 11.43
C ASP B 109 -19.53 24.04 12.66
N HIS B 110 -20.61 23.82 13.41
CA HIS B 110 -20.45 23.05 14.67
C HIS B 110 -21.33 21.81 14.85
N LEU B 111 -22.19 21.45 13.90
CA LEU B 111 -23.04 20.24 14.12
C LEU B 111 -22.28 18.87 14.03
N GLY B 112 -21.17 18.85 13.30
CA GLY B 112 -20.29 17.67 13.24
C GLY B 112 -18.90 18.25 13.43
N LYS B 113 -17.96 17.41 13.87
CA LYS B 113 -16.65 17.80 14.54
C LYS B 113 -16.18 19.28 14.84
N ARG B 114 -15.42 19.94 13.96
CA ARG B 114 -14.82 19.38 12.76
C ARG B 114 -13.30 19.63 12.69
N THR B 115 -12.56 18.58 12.99
CA THR B 115 -11.07 18.46 13.01
C THR B 115 -10.27 19.36 12.07
N SER B 116 -10.66 19.48 10.80
CA SER B 116 -9.75 19.99 9.74
C SER B 116 -10.24 21.05 8.75
N LEU B 117 -11.47 20.86 8.23
CA LEU B 117 -12.07 21.76 7.26
C LEU B 117 -12.24 23.10 7.90
N PRO B 118 -12.02 24.15 7.15
CA PRO B 118 -12.11 25.51 7.65
C PRO B 118 -13.44 26.06 8.15
N GLY B 119 -13.77 27.28 7.75
CA GLY B 119 -14.88 27.98 8.37
C GLY B 119 -15.46 29.13 7.59
N SER B 120 -16.68 29.48 7.91
CA SER B 120 -17.39 30.47 7.15
C SER B 120 -16.86 31.88 7.27
N THR B 121 -16.94 32.66 6.21
CA THR B 121 -16.56 34.05 6.19
C THR B 121 -17.66 34.79 5.43
N GLY B 122 -17.70 36.12 5.56
CA GLY B 122 -18.50 36.97 4.69
C GLY B 122 -17.57 37.37 3.56
N LEU B 123 -18.12 37.99 2.52
CA LEU B 123 -17.36 38.43 1.36
C LEU B 123 -18.00 39.62 0.74
N ARG B 124 -17.20 40.48 0.15
CA ARG B 124 -17.74 41.53 -0.60
C ARG B 124 -17.30 41.26 -2.05
N PHE B 125 -18.07 41.74 -3.02
CA PHE B 125 -17.86 41.43 -4.42
C PHE B 125 -17.75 42.80 -5.03
N GLY B 126 -16.62 43.09 -5.68
CA GLY B 126 -16.37 44.42 -6.23
C GLY B 126 -16.74 44.51 -7.69
N ALA B 127 -16.41 45.62 -8.33
CA ALA B 127 -16.60 45.81 -9.75
C ALA B 127 -15.84 44.83 -10.65
N ASN B 128 -14.84 44.16 -10.11
CA ASN B 128 -14.05 43.23 -10.92
C ASN B 128 -14.42 41.77 -10.71
N SER B 129 -15.56 41.49 -10.05
CA SER B 129 -15.82 40.06 -9.67
C SER B 129 -16.41 39.34 -10.86
N VAL B 130 -16.77 38.04 -10.67
CA VAL B 130 -17.34 37.25 -11.77
C VAL B 130 -18.88 37.45 -11.76
N LEU B 131 -19.40 37.94 -10.62
CA LEU B 131 -20.82 38.15 -10.43
C LEU B 131 -21.32 39.48 -10.97
N LYS B 132 -22.61 39.59 -11.30
CA LYS B 132 -23.14 40.87 -11.79
C LYS B 132 -22.99 41.94 -10.68
N PRO B 133 -22.81 43.22 -11.08
CA PRO B 133 -22.43 44.39 -10.18
C PRO B 133 -23.39 44.67 -9.02
N GLU B 134 -24.69 44.46 -9.25
CA GLU B 134 -25.69 44.68 -8.24
C GLU B 134 -25.54 43.75 -7.05
N ILE B 135 -24.77 42.67 -7.21
CA ILE B 135 -24.60 41.67 -6.17
C ILE B 135 -23.30 42.03 -5.51
N LYS B 136 -23.36 42.33 -4.20
CA LYS B 136 -22.26 42.97 -3.51
C LYS B 136 -21.81 42.22 -2.31
N ARG B 137 -22.56 41.26 -1.83
CA ARG B 137 -22.20 40.61 -0.57
C ARG B 137 -22.38 39.12 -0.76
N GLY B 138 -21.73 38.33 0.06
CA GLY B 138 -21.99 36.95 0.08
C GLY B 138 -21.34 36.33 1.27
N PHE B 139 -21.18 35.00 1.21
CA PHE B 139 -20.65 34.17 2.28
C PHE B 139 -19.87 33.03 1.66
N GLU B 140 -19.01 32.42 2.45
CA GLU B 140 -18.14 31.35 1.98
C GLU B 140 -18.01 30.31 3.06
N TYR B 141 -18.09 29.05 2.66
CA TYR B 141 -17.94 27.97 3.62
C TYR B 141 -17.39 26.77 2.91
N SER B 142 -17.14 25.70 3.67
CA SER B 142 -16.49 24.48 3.25
C SER B 142 -17.42 23.24 3.12
N ASP B 143 -17.10 22.39 2.13
CA ASP B 143 -17.76 21.12 1.90
C ASP B 143 -16.75 20.39 0.98
N CYS B 144 -17.01 19.17 0.53
CA CYS B 144 -16.01 18.43 -0.22
C CYS B 144 -16.52 17.92 -1.57
N TRP B 145 -15.59 17.56 -2.43
CA TRP B 145 -15.90 17.03 -3.73
C TRP B 145 -15.39 15.65 -3.75
N VAL B 146 -16.10 14.75 -4.42
CA VAL B 146 -15.72 13.37 -4.63
C VAL B 146 -16.06 12.84 -6.05
N ASP B 147 -15.23 11.95 -6.59
CA ASP B 147 -15.46 11.34 -7.93
C ASP B 147 -16.43 10.22 -7.64
N ASP B 148 -17.74 10.45 -7.82
CA ASP B 148 -18.77 9.54 -7.27
C ASP B 148 -18.61 8.15 -7.82
N ALA B 149 -18.48 7.98 -9.12
CA ALA B 149 -18.38 6.66 -9.60
C ALA B 149 -17.11 5.92 -9.11
N ARG B 150 -15.98 6.54 -9.08
CA ARG B 150 -14.75 5.87 -8.52
C ARG B 150 -14.82 5.57 -7.03
N LEU B 151 -15.66 6.29 -6.30
CA LEU B 151 -15.91 5.88 -4.91
C LEU B 151 -16.70 4.58 -4.81
N VAL B 152 -17.63 4.35 -5.75
CA VAL B 152 -18.29 3.04 -5.80
C VAL B 152 -17.24 1.97 -6.15
N LEU B 153 -16.39 2.27 -7.12
CA LEU B 153 -15.35 1.31 -7.59
C LEU B 153 -14.42 0.97 -6.41
N ALA B 154 -13.96 1.96 -5.64
CA ALA B 154 -13.07 1.69 -4.44
C ALA B 154 -13.80 0.74 -3.47
N ASN B 155 -15.07 1.00 -3.17
CA ASN B 155 -15.80 -0.03 -2.39
C ASN B 155 -15.90 -1.41 -3.02
N ALA B 156 -16.08 -1.50 -4.33
CA ALA B 156 -16.14 -2.86 -4.95
C ALA B 156 -14.83 -3.57 -4.72
N GLN B 157 -13.75 -2.81 -4.74
CA GLN B 157 -12.40 -3.42 -4.70
C GLN B 157 -12.12 -3.82 -3.27
N VAL B 159 -14.44 -4.99 -1.30
CA VAL B 159 -15.16 -6.24 -1.15
C VAL B 159 -14.24 -7.42 -1.50
N VAL B 160 -13.67 -7.34 -2.72
CA VAL B 160 -12.79 -8.36 -3.29
C VAL B 160 -11.52 -8.52 -2.43
N ARG B 161 -10.99 -7.41 -1.94
CA ARG B 161 -9.89 -7.42 -0.95
C ARG B 161 -10.19 -8.34 0.24
N LYS B 162 -11.47 -8.41 0.64
CA LYS B 162 -11.86 -9.26 1.77
C LYS B 162 -12.55 -10.54 1.28
N GLY B 163 -12.23 -10.91 0.06
CA GLY B 163 -12.72 -12.14 -0.51
C GLY B 163 -14.22 -12.17 -0.51
N GLY B 164 -14.85 -11.03 -0.81
CA GLY B 164 -16.23 -11.00 -1.28
C GLY B 164 -16.11 -11.33 -2.74
N GLU B 165 -17.21 -11.46 -3.43
CA GLU B 165 -17.16 -11.62 -4.85
C GLU B 165 -18.02 -10.47 -5.47
N VAL B 166 -17.83 -10.17 -6.74
CA VAL B 166 -18.56 -9.08 -7.37
C VAL B 166 -18.78 -9.44 -8.81
N LEU B 167 -20.04 -9.59 -9.19
CA LEU B 167 -20.40 -9.92 -10.57
C LEU B 167 -21.03 -8.70 -11.19
N THR B 168 -20.73 -8.36 -12.45
CA THR B 168 -21.43 -7.26 -13.05
C THR B 168 -22.06 -7.85 -14.28
N ARG B 169 -22.81 -7.02 -15.01
CA ARG B 169 -23.60 -7.46 -16.13
C ARG B 169 -24.39 -8.72 -15.78
N THR B 170 -24.69 -8.87 -14.48
CA THR B 170 -25.55 -9.98 -13.89
C THR B 170 -26.80 -9.47 -13.12
N ARG B 171 -27.98 -9.72 -13.68
CA ARG B 171 -29.22 -9.15 -13.16
C ARG B 171 -29.94 -10.18 -12.32
N ALA B 172 -30.20 -9.86 -11.05
CA ALA B 172 -30.94 -10.72 -10.17
C ALA B 172 -32.38 -10.68 -10.69
N THR B 173 -32.97 -11.86 -10.90
CA THR B 173 -34.29 -11.98 -11.54
C THR B 173 -35.32 -12.43 -10.54
N SER B 174 -34.89 -13.18 -9.53
CA SER B 174 -35.74 -13.33 -8.37
C SER B 174 -35.01 -13.67 -7.08
N ALA B 175 -35.75 -13.60 -5.98
CA ALA B 175 -35.25 -14.06 -4.70
C ALA B 175 -36.47 -14.57 -3.93
N ARG B 176 -36.33 -15.71 -3.27
CA ARG B 176 -37.46 -16.34 -2.58
C ARG B 176 -36.96 -17.05 -1.32
N ARG B 177 -37.75 -17.04 -0.25
CA ARG B 177 -37.31 -17.70 0.96
C ARG B 177 -37.69 -19.17 0.88
N GLU B 178 -36.76 -20.06 1.24
CA GLU B 178 -37.04 -21.51 1.18
C GLU B 178 -36.22 -22.27 2.19
N ASN B 179 -36.88 -22.76 3.23
CA ASN B 179 -36.26 -23.67 4.18
C ASN B 179 -35.33 -22.88 5.09
N GLY B 180 -35.65 -21.64 5.36
CA GLY B 180 -34.73 -20.78 6.13
C GLY B 180 -33.56 -20.09 5.38
N LEU B 181 -33.38 -20.43 4.12
CA LEU B 181 -32.38 -19.80 3.23
C LEU B 181 -33.06 -18.91 2.15
N TRP B 182 -32.32 -17.98 1.54
CA TRP B 182 -32.77 -17.27 0.34
C TRP B 182 -32.28 -18.12 -0.80
N ILE B 183 -33.05 -18.25 -1.86
CA ILE B 183 -32.58 -18.73 -3.12
C ILE B 183 -32.57 -17.48 -4.03
N VAL B 184 -31.43 -17.14 -4.63
CA VAL B 184 -31.36 -15.95 -5.47
C VAL B 184 -31.02 -16.40 -6.88
N GLU B 185 -31.87 -16.10 -7.85
CA GLU B 185 -31.54 -16.35 -9.25
C GLU B 185 -31.16 -15.09 -10.01
N ALA B 186 -30.27 -15.23 -10.99
CA ALA B 186 -29.74 -14.12 -11.80
C ALA B 186 -29.36 -14.60 -13.19
N GLU B 187 -29.16 -13.68 -14.10
CA GLU B 187 -28.71 -14.09 -15.39
C GLU B 187 -27.80 -13.02 -15.97
N ASP B 188 -26.86 -13.48 -16.78
CA ASP B 188 -25.84 -12.63 -17.35
C ASP B 188 -26.57 -11.94 -18.49
N ILE B 189 -26.45 -10.63 -18.58
CA ILE B 189 -27.28 -9.91 -19.51
C ILE B 189 -26.77 -10.04 -20.94
N ASP B 190 -25.52 -10.49 -21.12
CA ASP B 190 -24.99 -10.73 -22.48
C ASP B 190 -25.21 -12.20 -22.94
N THR B 191 -24.69 -13.18 -22.20
CA THR B 191 -24.77 -14.62 -22.57
C THR B 191 -26.06 -15.42 -22.22
N GLY B 192 -26.92 -14.87 -21.35
CA GLY B 192 -28.10 -15.60 -20.90
C GLY B 192 -27.81 -16.66 -19.84
N LYS B 193 -26.55 -16.82 -19.47
CA LYS B 193 -26.20 -17.81 -18.47
C LYS B 193 -26.98 -17.55 -17.19
N LYS B 194 -27.68 -18.58 -16.68
CA LYS B 194 -28.45 -18.52 -15.44
C LYS B 194 -27.57 -18.91 -14.32
N TYR B 195 -27.84 -18.34 -13.13
CA TYR B 195 -27.10 -18.64 -11.92
C TYR B 195 -28.11 -18.86 -10.82
N SER B 196 -27.76 -19.71 -9.85
CA SER B 196 -28.62 -19.85 -8.67
C SER B 196 -27.74 -19.92 -7.44
N TRP B 197 -28.08 -19.19 -6.39
CA TRP B 197 -27.29 -19.17 -5.14
C TRP B 197 -28.20 -19.32 -3.98
N GLN B 198 -27.63 -19.68 -2.83
CA GLN B 198 -28.35 -19.76 -1.59
C GLN B 198 -27.71 -18.80 -0.67
N ALA B 199 -28.48 -18.13 0.14
CA ALA B 199 -27.84 -17.27 1.06
C ALA B 199 -28.63 -17.25 2.32
N ARG B 200 -27.96 -16.89 3.39
CA ARG B 200 -28.60 -16.66 4.69
C ARG B 200 -29.28 -15.28 4.89
N GLY B 201 -28.85 -14.27 4.14
CA GLY B 201 -29.25 -12.86 4.28
C GLY B 201 -29.30 -12.24 2.87
N LEU B 202 -30.21 -11.26 2.65
CA LEU B 202 -30.43 -10.55 1.34
C LEU B 202 -30.45 -9.08 1.62
N VAL B 203 -29.63 -8.30 0.89
CA VAL B 203 -29.80 -6.85 0.81
C VAL B 203 -30.44 -6.43 -0.56
N ASN B 204 -31.56 -5.75 -0.46
CA ASN B 204 -32.15 -5.02 -1.59
C ASN B 204 -31.66 -3.58 -1.62
N ALA B 205 -30.56 -3.38 -2.34
CA ALA B 205 -30.00 -2.05 -2.45
C ALA B 205 -30.01 -1.63 -3.95
N THR B 206 -31.16 -1.82 -4.61
CA THR B 206 -31.29 -1.39 -5.99
C THR B 206 -31.72 0.01 -6.31
N GLY B 207 -31.69 0.89 -5.33
CA GLY B 207 -31.90 2.32 -5.57
C GLY B 207 -33.26 2.67 -6.20
N PRO B 208 -33.29 3.36 -7.36
CA PRO B 208 -34.62 3.56 -8.03
C PRO B 208 -35.49 2.28 -8.26
N TRP B 209 -34.87 1.13 -8.26
CA TRP B 209 -35.58 -0.09 -8.49
C TRP B 209 -35.99 -0.78 -7.21
N VAL B 210 -35.81 -0.16 -6.02
CA VAL B 210 -36.04 -0.92 -4.76
C VAL B 210 -37.43 -1.48 -4.70
N LYS B 211 -38.42 -0.71 -5.18
CA LYS B 211 -39.77 -1.16 -5.04
C LYS B 211 -40.09 -2.07 -6.20
N GLN B 212 -39.64 -1.79 -7.41
CA GLN B 212 -39.94 -2.84 -8.37
C GLN B 212 -39.29 -4.18 -8.07
N PHE B 213 -38.13 -4.23 -7.37
CA PHE B 213 -37.63 -5.54 -6.96
C PHE B 213 -38.59 -6.32 -5.99
N PHE B 214 -39.15 -5.66 -4.97
CA PHE B 214 -40.21 -6.28 -4.19
C PHE B 214 -41.31 -6.74 -5.10
N ASP B 215 -41.76 -5.87 -6.00
CA ASP B 215 -42.95 -6.23 -6.80
C ASP B 215 -42.70 -7.38 -7.79
N ASP B 216 -41.62 -7.33 -8.59
CA ASP B 216 -41.44 -8.30 -9.69
C ASP B 216 -40.43 -9.41 -9.40
N GLY B 217 -39.50 -9.17 -8.47
CA GLY B 217 -38.45 -10.11 -8.18
C GLY B 217 -38.75 -10.97 -6.97
N HIS B 219 -42.15 -10.74 -5.17
CA HIS B 219 -43.59 -10.80 -4.92
C HIS B 219 -43.89 -10.57 -3.45
N LEU B 220 -43.25 -9.56 -2.82
CA LEU B 220 -43.46 -9.22 -1.39
C LEU B 220 -43.89 -7.77 -1.31
N PRO B 221 -44.64 -7.39 -0.25
CA PRO B 221 -45.02 -5.98 -0.24
C PRO B 221 -43.86 -5.13 0.22
N SER B 222 -43.61 -4.01 -0.47
CA SER B 222 -42.55 -3.11 -0.08
C SER B 222 -42.94 -2.38 1.20
N PRO B 223 -42.03 -2.22 2.16
CA PRO B 223 -42.42 -1.43 3.35
C PRO B 223 -42.62 0.07 3.10
N TYR B 224 -42.04 0.63 2.03
CA TYR B 224 -42.12 2.04 1.73
C TYR B 224 -42.26 2.24 0.25
N GLY B 225 -42.76 3.43 -0.11
CA GLY B 225 -42.85 3.84 -1.50
C GLY B 225 -41.57 4.59 -1.76
N ILE B 226 -41.27 4.79 -3.02
CA ILE B 226 -40.12 5.55 -3.38
C ILE B 226 -40.70 6.69 -4.26
N ARG B 227 -40.07 7.86 -4.25
CA ARG B 227 -40.48 8.92 -5.11
C ARG B 227 -39.32 9.17 -6.01
N LEU B 228 -39.49 9.11 -7.34
CA LEU B 228 -38.36 9.31 -8.18
C LEU B 228 -38.31 10.78 -8.53
N ILE B 229 -37.18 11.42 -8.34
CA ILE B 229 -37.09 12.82 -8.55
C ILE B 229 -35.87 13.07 -9.39
N LYS B 230 -36.12 13.42 -10.62
CA LYS B 230 -35.08 13.48 -11.64
C LYS B 230 -34.29 14.74 -11.34
N GLY B 231 -32.98 14.69 -11.49
CA GLY B 231 -32.16 15.94 -11.61
C GLY B 231 -31.17 15.83 -12.69
N SER B 232 -30.80 16.99 -13.31
CA SER B 232 -29.92 16.95 -14.48
C SER B 232 -28.87 18.02 -14.26
N HIS B 233 -27.76 17.90 -14.97
CA HIS B 233 -26.64 18.86 -14.79
C HIS B 233 -26.24 19.21 -16.18
N ILE B 234 -25.60 20.38 -16.44
CA ILE B 234 -25.05 20.65 -17.77
C ILE B 234 -23.54 20.96 -17.62
N VAL B 235 -22.72 20.69 -18.66
CA VAL B 235 -21.28 20.97 -18.48
C VAL B 235 -20.87 21.99 -19.56
N VAL B 236 -20.09 22.97 -19.16
CA VAL B 236 -19.70 24.04 -20.12
C VAL B 236 -18.19 24.27 -20.03
N PRO B 237 -17.57 24.87 -21.04
CA PRO B 237 -16.18 25.22 -20.69
C PRO B 237 -16.12 26.10 -19.45
N ARG B 238 -15.02 26.11 -18.74
CA ARG B 238 -15.00 26.72 -17.44
C ARG B 238 -15.42 28.18 -17.56
N VAL B 239 -16.30 28.51 -16.63
CA VAL B 239 -17.00 29.78 -16.56
C VAL B 239 -16.07 30.89 -16.08
N HIS B 240 -15.02 30.51 -15.36
CA HIS B 240 -14.12 31.51 -14.81
C HIS B 240 -12.96 30.66 -14.28
N THR B 241 -11.83 31.30 -13.89
CA THR B 241 -10.63 30.57 -13.40
C THR B 241 -10.51 30.44 -11.86
N GLN B 242 -11.55 30.80 -11.14
CA GLN B 242 -11.51 30.70 -9.71
C GLN B 242 -11.65 29.23 -9.26
N LYS B 243 -11.08 28.90 -8.11
CA LYS B 243 -11.08 27.56 -7.55
C LYS B 243 -12.38 27.19 -6.82
N GLN B 244 -13.16 28.23 -6.48
CA GLN B 244 -14.39 28.15 -5.68
C GLN B 244 -15.62 27.77 -6.51
N ALA B 245 -16.47 26.96 -5.86
CA ALA B 245 -17.80 26.69 -6.34
C ALA B 245 -18.67 27.81 -5.86
N TYR B 246 -19.71 28.11 -6.64
CA TYR B 246 -20.73 29.12 -6.27
C TYR B 246 -22.02 28.35 -5.94
N ILE B 247 -22.79 28.78 -4.95
CA ILE B 247 -24.07 28.15 -4.67
C ILE B 247 -25.12 29.19 -4.70
N LEU B 248 -26.00 29.11 -5.68
CA LEU B 248 -26.85 30.21 -6.05
C LEU B 248 -28.29 30.01 -5.56
N GLN B 249 -28.84 31.02 -4.89
CA GLN B 249 -30.23 30.98 -4.41
C GLN B 249 -31.09 31.38 -5.55
N ASN B 250 -32.07 30.54 -5.86
CA ASN B 250 -32.95 30.77 -7.01
C ASN B 250 -34.30 31.27 -6.50
N GLU B 251 -35.08 31.87 -7.38
CA GLU B 251 -36.41 32.43 -7.01
C GLU B 251 -37.41 31.40 -6.39
N ASP B 252 -37.24 30.12 -6.70
CA ASP B 252 -38.10 29.02 -6.23
C ASP B 252 -37.68 28.50 -4.89
N LYS B 253 -36.64 29.12 -4.30
CA LYS B 253 -35.99 28.70 -3.02
C LYS B 253 -35.06 27.48 -3.07
N ARG B 254 -34.83 27.03 -4.30
CA ARG B 254 -33.88 25.99 -4.59
C ARG B 254 -32.52 26.62 -4.82
N ILE B 255 -31.49 25.84 -4.54
CA ILE B 255 -30.11 26.26 -4.64
C ILE B 255 -29.54 25.54 -5.86
N VAL B 256 -28.77 26.23 -6.69
CA VAL B 256 -28.10 25.61 -7.79
C VAL B 256 -26.58 25.88 -7.69
N PHE B 257 -25.75 24.86 -7.95
CA PHE B 257 -24.27 24.92 -7.93
C PHE B 257 -23.62 25.21 -9.26
N VAL B 258 -22.49 25.94 -9.21
CA VAL B 258 -21.54 26.12 -10.35
C VAL B 258 -20.18 25.64 -9.77
N ILE B 259 -19.68 24.51 -10.25
CA ILE B 259 -18.65 23.71 -9.56
C ILE B 259 -17.57 23.49 -10.59
N PRO B 260 -16.30 23.87 -10.28
CA PRO B 260 -15.17 23.67 -11.22
C PRO B 260 -14.88 22.20 -11.34
N TRP B 261 -14.57 21.73 -12.54
CA TRP B 261 -14.45 20.32 -12.76
C TRP B 261 -13.30 20.04 -13.71
N ASP B 263 -10.38 21.23 -13.99
CA ASP B 263 -9.54 22.37 -14.48
C ASP B 263 -10.01 22.92 -15.79
N GLU B 264 -10.96 22.29 -16.45
CA GLU B 264 -11.34 22.80 -17.77
C GLU B 264 -12.79 23.12 -17.89
N PHE B 265 -13.59 22.58 -16.96
CA PHE B 265 -15.04 22.59 -17.15
C PHE B 265 -15.70 23.25 -15.92
N SER B 266 -17.00 23.56 -16.06
CA SER B 266 -17.80 23.98 -14.91
C SER B 266 -19.01 23.12 -14.98
N ILE B 267 -19.42 22.50 -13.86
CA ILE B 267 -20.71 21.74 -13.86
C ILE B 267 -21.75 22.63 -13.24
N ILE B 268 -22.95 22.72 -13.86
CA ILE B 268 -24.05 23.50 -13.33
C ILE B 268 -25.23 22.62 -13.07
N GLY B 269 -25.80 22.59 -11.88
CA GLY B 269 -26.93 21.76 -11.54
C GLY B 269 -27.37 21.99 -10.13
N THR B 270 -28.48 21.41 -9.69
CA THR B 270 -29.35 20.54 -10.46
C THR B 270 -30.79 21.04 -10.40
N THR B 271 -31.69 20.09 -10.61
CA THR B 271 -33.10 20.29 -10.74
C THR B 271 -33.86 19.26 -9.93
N ASP B 272 -35.17 19.38 -9.84
CA ASP B 272 -36.01 18.53 -8.96
C ASP B 272 -37.33 18.23 -9.65
N VAL B 273 -37.37 17.33 -10.64
CA VAL B 273 -38.52 17.14 -11.53
C VAL B 273 -39.18 15.78 -11.12
N GLU B 274 -40.47 15.70 -10.77
CA GLU B 274 -41.01 14.35 -10.49
C GLU B 274 -40.95 13.49 -11.77
N TYR B 275 -40.58 12.23 -11.65
CA TYR B 275 -40.30 11.37 -12.81
C TYR B 275 -41.12 10.05 -12.73
N LYS B 276 -41.64 9.59 -13.86
CA LYS B 276 -42.28 8.26 -13.95
C LYS B 276 -41.76 7.45 -15.10
N GLY B 277 -41.64 6.15 -14.89
CA GLY B 277 -41.15 5.29 -15.96
C GLY B 277 -39.79 4.73 -15.65
N ASP B 278 -39.03 4.40 -16.70
CA ASP B 278 -37.76 3.70 -16.61
C ASP B 278 -36.63 4.62 -16.15
N PRO B 279 -35.97 4.31 -15.00
CA PRO B 279 -34.80 5.09 -14.56
C PRO B 279 -33.57 5.04 -15.51
N LYS B 280 -33.57 4.11 -16.47
CA LYS B 280 -32.51 4.00 -17.46
C LYS B 280 -32.68 4.99 -18.60
N ALA B 281 -33.93 5.31 -18.92
CA ALA B 281 -34.37 6.34 -19.88
C ALA B 281 -34.09 7.86 -19.54
N VAL B 282 -33.64 8.18 -18.33
CA VAL B 282 -33.77 9.53 -17.84
C VAL B 282 -32.86 10.40 -18.66
N LYS B 283 -33.33 11.56 -19.13
CA LYS B 283 -32.56 12.49 -20.01
C LYS B 283 -32.94 13.88 -19.68
N ILE B 284 -32.02 14.81 -19.89
CA ILE B 284 -32.35 16.20 -19.62
C ILE B 284 -33.48 16.71 -20.57
N GLU B 285 -34.32 17.61 -20.09
CA GLU B 285 -35.30 18.21 -21.05
C GLU B 285 -35.07 19.71 -21.20
N GLU B 286 -35.73 20.29 -22.19
CA GLU B 286 -35.49 21.66 -22.56
C GLU B 286 -35.71 22.56 -21.34
N SER B 287 -36.78 22.41 -20.56
CA SER B 287 -36.97 23.37 -19.46
C SER B 287 -35.92 23.35 -18.36
N GLU B 288 -35.26 22.21 -18.21
CA GLU B 288 -34.18 22.08 -17.22
C GLU B 288 -32.96 22.92 -17.72
N ILE B 289 -32.64 22.77 -18.99
CA ILE B 289 -31.64 23.56 -19.56
C ILE B 289 -31.91 24.97 -19.31
N ASN B 290 -33.12 25.49 -19.63
CA ASN B 290 -33.45 26.92 -19.55
C ASN B 290 -33.43 27.34 -18.11
N TYR B 291 -33.80 26.43 -17.20
CA TYR B 291 -33.82 26.76 -15.78
C TYR B 291 -32.43 26.95 -15.18
N LEU B 292 -31.51 26.08 -15.57
CA LEU B 292 -30.14 26.09 -15.04
C LEU B 292 -29.37 27.28 -15.66
N LEU B 293 -29.50 27.52 -16.96
CA LEU B 293 -28.88 28.72 -17.58
C LEU B 293 -29.48 30.02 -17.09
N ASN B 294 -30.76 30.03 -16.72
CA ASN B 294 -31.31 31.20 -16.10
C ASN B 294 -30.69 31.56 -14.81
N VAL B 295 -30.64 30.65 -13.84
CA VAL B 295 -30.07 30.98 -12.49
C VAL B 295 -28.57 31.36 -12.61
N TYR B 296 -27.86 30.66 -13.50
CA TYR B 296 -26.49 31.10 -13.87
C TYR B 296 -26.40 32.53 -14.42
N ASN B 297 -27.09 32.79 -15.51
CA ASN B 297 -27.01 34.04 -16.25
C ASN B 297 -27.58 35.25 -15.51
N THR B 298 -28.39 35.00 -14.50
CA THR B 298 -28.94 35.98 -13.54
C THR B 298 -27.91 36.44 -12.53
N HIS B 299 -26.88 35.64 -12.28
CA HIS B 299 -25.96 35.96 -11.25
C HIS B 299 -24.58 36.39 -11.74
N PHE B 300 -24.13 35.83 -12.87
CA PHE B 300 -22.75 36.02 -13.37
C PHE B 300 -22.72 36.97 -14.57
N LYS B 301 -21.63 37.73 -14.80
CA LYS B 301 -21.57 38.67 -15.96
C LYS B 301 -21.37 37.97 -17.27
N LYS B 302 -20.60 36.90 -17.24
CA LYS B 302 -20.28 36.18 -18.49
C LYS B 302 -21.42 35.22 -18.68
N GLN B 303 -22.17 35.48 -19.73
CA GLN B 303 -23.45 34.89 -20.02
C GLN B 303 -23.18 33.67 -20.88
N LEU B 304 -23.96 32.62 -20.63
CA LEU B 304 -23.84 31.36 -21.33
C LEU B 304 -25.07 31.15 -22.20
N SER B 305 -24.95 30.48 -23.31
CA SER B 305 -26.10 30.00 -24.02
C SER B 305 -26.11 28.47 -24.24
N ARG B 306 -27.24 27.94 -24.68
CA ARG B 306 -27.34 26.57 -25.12
C ARG B 306 -26.12 26.05 -25.91
N ASP B 307 -25.59 26.84 -26.81
CA ASP B 307 -24.53 26.42 -27.73
C ASP B 307 -23.19 26.18 -27.01
N ASP B 308 -22.98 26.79 -25.86
CA ASP B 308 -21.83 26.52 -25.00
C ASP B 308 -21.88 25.14 -24.29
N ILE B 309 -23.02 24.52 -24.13
CA ILE B 309 -23.07 23.26 -23.37
C ILE B 309 -22.28 22.18 -24.14
N VAL B 310 -21.32 21.52 -23.50
CA VAL B 310 -20.58 20.40 -24.19
C VAL B 310 -21.01 19.01 -23.73
N TRP B 311 -21.68 18.89 -22.56
CA TRP B 311 -22.20 17.58 -22.14
C TRP B 311 -23.31 17.84 -21.08
N THR B 312 -24.15 16.84 -20.87
CA THR B 312 -25.24 16.93 -19.91
C THR B 312 -25.70 15.56 -19.45
N TYR B 313 -25.75 15.35 -18.13
CA TYR B 313 -26.17 14.08 -17.57
C TYR B 313 -27.31 14.26 -16.57
N SER B 314 -28.03 13.19 -16.31
CA SER B 314 -29.16 13.22 -15.38
C SER B 314 -29.43 11.84 -14.79
N GLY B 315 -30.05 11.81 -13.62
CA GLY B 315 -30.36 10.54 -12.93
C GLY B 315 -31.60 10.80 -12.12
N VAL B 316 -32.13 9.80 -11.45
CA VAL B 316 -33.31 9.94 -10.59
C VAL B 316 -33.01 9.67 -9.09
N ARG B 317 -33.28 10.64 -8.23
CA ARG B 317 -33.06 10.36 -6.80
C ARG B 317 -34.10 9.33 -6.37
N PRO B 318 -33.66 8.20 -5.80
CA PRO B 318 -34.71 7.36 -5.20
C PRO B 318 -34.94 7.90 -3.75
N LEU B 319 -36.04 8.61 -3.47
CA LEU B 319 -36.20 9.22 -2.14
C LEU B 319 -37.27 8.42 -1.43
N CYS B 320 -37.07 8.12 -0.16
CA CYS B 320 -38.17 7.53 0.64
C CYS B 320 -39.39 8.45 0.51
N ASP B 321 -40.54 7.88 0.20
CA ASP B 321 -41.73 8.72 -0.01
C ASP B 321 -42.41 9.14 1.31
N ASP B 322 -42.00 10.29 1.83
CA ASP B 322 -42.63 10.89 3.02
C ASP B 322 -43.99 11.58 2.76
N GLU B 323 -44.58 11.36 1.56
CA GLU B 323 -45.73 12.18 1.06
C GLU B 323 -45.15 13.58 0.91
N SER B 324 -45.93 14.63 0.66
CA SER B 324 -45.29 15.98 0.53
C SER B 324 -46.04 17.02 -0.25
N ASP B 325 -46.06 16.80 -1.57
CA ASP B 325 -46.46 17.79 -2.58
C ASP B 325 -45.23 18.27 -3.35
N SER B 326 -44.28 18.92 -2.66
CA SER B 326 -43.13 19.54 -3.30
C SER B 326 -41.84 18.70 -3.23
N PRO B 327 -41.32 18.27 -4.41
CA PRO B 327 -40.09 17.50 -4.60
C PRO B 327 -38.90 18.09 -3.91
N GLN B 328 -38.63 19.38 -4.04
CA GLN B 328 -37.51 19.94 -3.26
C GLN B 328 -37.66 19.77 -1.74
N ALA B 329 -38.89 19.50 -1.26
CA ALA B 329 -39.07 19.36 0.20
C ALA B 329 -39.07 17.92 0.73
N ILE B 330 -39.10 16.94 -0.18
CA ILE B 330 -38.98 15.53 0.26
C ILE B 330 -37.66 15.32 0.99
N THR B 331 -37.68 14.45 2.00
CA THR B 331 -36.51 14.21 2.88
C THR B 331 -35.46 13.40 2.13
N ARG B 332 -34.19 13.76 2.34
CA ARG B 332 -33.08 13.05 1.73
C ARG B 332 -32.50 12.01 2.70
N ASP B 333 -32.98 12.00 3.95
CA ASP B 333 -32.46 11.03 4.90
C ASP B 333 -32.83 9.68 4.34
N TYR B 334 -32.07 8.61 4.68
CA TYR B 334 -32.39 7.23 4.27
C TYR B 334 -33.26 6.39 5.25
N THR B 335 -33.96 5.43 4.74
CA THR B 335 -34.63 4.48 5.64
C THR B 335 -34.18 3.05 5.31
N LEU B 336 -33.85 2.26 6.34
CA LEU B 336 -33.56 0.85 6.10
C LEU B 336 -34.65 0.09 6.80
N ASP B 337 -35.13 -0.96 6.18
CA ASP B 337 -36.12 -1.81 6.77
C ASP B 337 -35.52 -3.20 6.80
N ILE B 338 -35.70 -3.90 7.91
CA ILE B 338 -35.24 -5.28 7.99
C ILE B 338 -36.41 -6.20 8.38
N HIS B 339 -36.56 -7.32 7.70
CA HIS B 339 -37.66 -8.23 7.99
C HIS B 339 -37.25 -9.68 7.81
N ASP B 340 -37.61 -10.55 8.76
CA ASP B 340 -37.30 -11.97 8.67
C ASP B 340 -38.56 -12.82 8.74
N GLU B 341 -38.33 -14.12 8.78
CA GLU B 341 -39.37 -15.11 8.66
C GLU B 341 -39.02 -16.27 9.57
N ASN B 342 -39.75 -16.41 10.68
CA ASN B 342 -39.44 -17.48 11.61
C ASN B 342 -38.00 -17.22 12.10
N GLY B 343 -37.68 -15.94 12.38
CA GLY B 343 -36.32 -15.48 12.75
C GLY B 343 -35.11 -15.86 11.87
N LYS B 344 -35.37 -16.36 10.65
CA LYS B 344 -34.32 -16.59 9.63
C LYS B 344 -34.55 -15.84 8.29
N ALA B 345 -33.56 -15.98 7.40
CA ALA B 345 -33.50 -15.33 6.11
C ALA B 345 -33.95 -13.86 6.13
N PRO B 346 -33.21 -13.02 6.86
CA PRO B 346 -33.51 -11.57 6.93
C PRO B 346 -33.42 -10.96 5.52
N LEU B 347 -34.08 -9.81 5.35
CA LEU B 347 -34.08 -9.02 4.12
C LEU B 347 -33.94 -7.57 4.58
N LEU B 348 -32.81 -6.97 4.25
CA LEU B 348 -32.57 -5.57 4.48
C LEU B 348 -32.78 -4.84 3.14
N SER B 349 -33.59 -3.78 3.19
CA SER B 349 -33.95 -3.00 2.01
C SER B 349 -33.59 -1.60 2.27
N VAL B 350 -33.10 -0.92 1.26
CA VAL B 350 -32.59 0.41 1.47
C VAL B 350 -33.38 1.43 0.68
N PHE B 351 -33.92 2.45 1.36
CA PHE B 351 -34.70 3.47 0.76
C PHE B 351 -34.01 4.78 0.90
N GLY B 352 -33.70 5.42 -0.22
CA GLY B 352 -32.97 6.69 -0.15
C GLY B 352 -31.49 6.50 0.24
N GLY B 353 -30.80 7.62 0.50
CA GLY B 353 -29.41 7.58 0.97
C GLY B 353 -28.42 8.31 0.06
N LYS B 354 -28.02 9.52 0.45
CA LYS B 354 -27.01 10.30 -0.27
C LYS B 354 -25.66 9.56 -0.33
N LEU B 355 -24.85 9.92 -1.31
CA LEU B 355 -23.49 9.43 -1.40
C LEU B 355 -22.69 9.85 -0.17
N THR B 356 -23.04 11.01 0.40
CA THR B 356 -22.37 11.52 1.60
C THR B 356 -22.44 10.53 2.79
N THR B 357 -23.66 10.00 3.03
CA THR B 357 -23.98 9.16 4.18
C THR B 357 -23.80 7.69 3.96
N TYR B 358 -23.23 7.24 2.82
CA TYR B 358 -23.23 5.77 2.56
C TYR B 358 -22.60 4.87 3.64
N ARG B 359 -21.51 5.31 4.24
CA ARG B 359 -20.71 4.44 5.14
C ARG B 359 -21.47 4.18 6.43
N LYS B 360 -22.12 5.22 6.88
CA LYS B 360 -22.96 5.20 8.10
C LYS B 360 -24.22 4.45 7.86
N LEU B 361 -24.74 4.61 6.65
CA LEU B 361 -25.85 3.83 6.16
C LEU B 361 -25.48 2.35 6.15
N ALA B 362 -24.25 2.04 5.70
CA ALA B 362 -23.82 0.63 5.74
C ALA B 362 -23.57 0.12 7.18
N GLU B 363 -23.16 1.01 8.07
CA GLU B 363 -22.81 0.59 9.42
C GLU B 363 -24.10 0.17 10.07
N HIS B 364 -25.06 1.09 10.05
CA HIS B 364 -26.44 0.84 10.51
C HIS B 364 -27.08 -0.40 9.89
N ALA B 365 -26.93 -0.61 8.59
CA ALA B 365 -27.41 -1.84 7.96
C ALA B 365 -26.85 -3.10 8.60
N LEU B 366 -25.56 -3.04 8.99
CA LEU B 366 -24.92 -4.20 9.60
C LEU B 366 -25.27 -4.32 11.09
N GLU B 367 -25.58 -3.21 11.75
CA GLU B 367 -26.18 -3.27 13.09
C GLU B 367 -27.43 -4.17 13.09
N LYS B 368 -28.40 -3.86 12.21
CA LYS B 368 -29.60 -4.69 12.00
C LYS B 368 -29.32 -6.14 11.65
N LEU B 369 -28.34 -6.44 10.79
CA LEU B 369 -28.16 -7.84 10.36
C LEU B 369 -27.44 -8.71 11.38
N THR B 370 -26.88 -8.09 12.42
CA THR B 370 -26.01 -8.80 13.38
C THR B 370 -26.66 -10.02 14.08
N PRO B 371 -27.81 -9.84 14.79
CA PRO B 371 -28.43 -11.01 15.41
C PRO B 371 -28.34 -12.27 14.59
N TYR B 372 -28.30 -12.15 13.27
CA TYR B 372 -28.44 -13.32 12.40
C TYR B 372 -27.12 -14.00 12.13
N TYR B 373 -26.05 -13.34 12.58
CA TYR B 373 -24.66 -13.81 12.39
C TYR B 373 -23.87 -13.75 13.75
N GLN B 374 -22.64 -14.29 13.77
CA GLN B 374 -21.94 -14.86 15.01
C GLN B 374 -21.24 -13.98 16.10
N GLY B 375 -19.94 -13.80 15.94
CA GLY B 375 -19.31 -14.35 14.77
C GLY B 375 -19.58 -13.32 13.72
N ILE B 376 -19.49 -12.05 14.09
CA ILE B 376 -19.71 -11.00 13.10
C ILE B 376 -18.94 -9.77 13.54
N GLY B 377 -17.72 -9.62 13.05
CA GLY B 377 -16.91 -8.57 13.63
C GLY B 377 -17.71 -7.30 13.75
N PRO B 378 -17.17 -6.37 14.53
CA PRO B 378 -17.83 -5.09 14.77
C PRO B 378 -17.32 -3.96 13.88
N ALA B 379 -18.07 -2.87 13.80
CA ALA B 379 -17.70 -1.73 13.03
C ALA B 379 -16.18 -1.69 12.85
N TRP B 380 -15.71 -1.08 11.75
CA TRP B 380 -14.32 -1.14 11.35
C TRP B 380 -13.96 -0.17 10.21
N THR B 381 -14.97 0.38 9.51
CA THR B 381 -14.71 1.17 8.27
C THR B 381 -14.32 2.61 8.55
N LYS B 382 -14.73 3.13 9.68
CA LYS B 382 -14.26 4.43 10.06
C LYS B 382 -12.73 4.56 10.07
N GLU B 383 -12.05 3.47 10.42
CA GLU B 383 -10.61 3.51 10.58
C GLU B 383 -9.88 2.82 9.44
N SER B 384 -10.53 2.67 8.29
CA SER B 384 -9.85 2.03 7.17
C SER B 384 -9.53 3.01 6.06
N VAL B 385 -9.02 2.48 4.97
CA VAL B 385 -8.52 3.29 3.87
C VAL B 385 -8.78 2.49 2.64
N LEU B 386 -9.59 3.09 1.76
CA LEU B 386 -10.12 2.37 0.60
C LEU B 386 -8.97 2.08 -0.39
N PRO B 387 -9.08 1.00 -1.17
CA PRO B 387 -8.11 0.71 -2.19
C PRO B 387 -7.76 1.97 -2.98
N GLY B 388 -6.48 2.28 -3.07
CA GLY B 388 -6.02 3.43 -3.83
C GLY B 388 -5.90 4.71 -3.03
N GLY B 389 -6.26 4.67 -1.75
CA GLY B 389 -6.17 5.84 -0.94
C GLY B 389 -4.92 5.94 -0.14
N ALA B 390 -4.06 4.97 -0.29
CA ALA B 390 -2.87 4.90 0.51
C ALA B 390 -1.75 5.68 -0.09
N ILE B 391 -2.00 6.95 -0.30
CA ILE B 391 -0.97 7.83 -0.72
C ILE B 391 -0.47 8.36 0.60
N GLU B 392 0.31 9.41 0.63
CA GLU B 392 0.76 9.86 1.92
C GLU B 392 0.96 11.33 1.84
N GLY B 393 -0.14 12.06 1.89
CA GLY B 393 -0.12 13.48 1.66
C GLY B 393 -1.28 13.78 0.77
N ASP B 394 -1.00 14.54 -0.28
CA ASP B 394 -1.98 15.11 -1.17
C ASP B 394 -2.01 14.30 -2.41
N ARG B 395 -3.09 14.35 -3.14
CA ARG B 395 -3.02 13.84 -4.47
C ARG B 395 -1.97 14.58 -5.25
N ASP B 396 -1.81 15.87 -5.01
CA ASP B 396 -0.87 16.69 -5.75
C ASP B 396 0.56 16.33 -5.44
N ASP B 397 0.79 16.01 -4.17
CA ASP B 397 2.05 15.43 -3.73
C ASP B 397 2.27 14.04 -4.21
N TYR B 398 1.27 13.20 -4.21
CA TYR B 398 1.44 11.92 -4.86
C TYR B 398 1.82 12.03 -6.31
N ALA B 399 1.33 13.04 -7.02
CA ALA B 399 1.55 13.04 -8.45
C ALA B 399 3.01 13.46 -8.70
N ALA B 400 3.56 14.32 -7.84
CA ALA B 400 5.01 14.60 -7.95
C ALA B 400 5.84 13.35 -7.65
N ARG B 401 5.68 12.74 -6.48
CA ARG B 401 6.35 11.46 -6.22
C ARG B 401 6.24 10.43 -7.37
N LEU B 402 5.07 10.32 -7.96
CA LEU B 402 4.84 9.36 -9.05
C LEU B 402 5.74 9.70 -10.19
N ARG B 403 5.88 10.97 -10.45
CA ARG B 403 6.65 11.38 -11.62
C ARG B 403 8.18 11.27 -11.41
N ARG B 404 8.63 11.44 -10.17
CA ARG B 404 10.00 11.08 -9.71
C ARG B 404 10.22 9.60 -9.93
N ARG B 405 9.34 8.77 -9.37
CA ARG B 405 9.43 7.31 -9.50
C ARG B 405 9.35 6.84 -10.95
N TYR B 406 8.50 7.47 -11.77
CA TYR B 406 8.33 7.06 -13.17
C TYR B 406 8.51 8.40 -13.91
N PRO B 407 9.71 8.74 -14.42
CA PRO B 407 9.81 10.12 -14.95
C PRO B 407 9.63 10.30 -16.46
N PHE B 408 9.35 9.22 -17.18
CA PHE B 408 8.77 9.32 -18.53
C PHE B 408 7.29 9.83 -18.55
N LEU B 409 6.66 9.95 -17.39
CA LEU B 409 5.29 10.47 -17.31
C LEU B 409 5.32 11.98 -17.43
N THR B 410 4.64 12.53 -18.44
CA THR B 410 4.30 13.98 -18.42
C THR B 410 3.59 14.41 -17.13
N GLU B 411 3.55 15.69 -16.83
CA GLU B 411 2.86 16.09 -15.59
C GLU B 411 1.36 15.89 -15.69
N SER B 412 0.80 15.93 -16.90
CA SER B 412 -0.65 15.76 -17.06
C SER B 412 -1.04 14.30 -16.75
N LEU B 413 -0.31 13.34 -17.33
CA LEU B 413 -0.45 11.91 -17.09
C LEU B 413 -0.23 11.60 -15.62
N ALA B 414 0.86 12.07 -15.04
CA ALA B 414 1.03 11.81 -13.59
C ALA B 414 -0.17 12.28 -12.77
N ARG B 415 -0.64 13.46 -13.09
CA ARG B 415 -1.81 14.06 -12.45
C ARG B 415 -3.05 13.19 -12.63
N HIS B 416 -3.29 12.70 -13.86
CA HIS B 416 -4.41 11.83 -14.08
C HIS B 416 -4.30 10.57 -13.24
N TYR B 417 -3.16 9.87 -13.26
CA TYR B 417 -3.07 8.57 -12.53
C TYR B 417 -3.17 8.88 -11.05
N ALA B 418 -2.60 9.97 -10.59
CA ALA B 418 -2.66 10.20 -9.12
C ALA B 418 -4.11 10.49 -8.64
N ARG B 419 -4.80 11.32 -9.43
CA ARG B 419 -6.17 11.69 -9.09
C ARG B 419 -7.21 10.62 -9.40
N THR B 420 -6.86 9.66 -10.25
CA THR B 420 -7.77 8.54 -10.46
C THR B 420 -7.41 7.21 -9.84
N TYR B 421 -6.18 6.76 -10.00
CA TYR B 421 -5.83 5.41 -9.47
C TYR B 421 -5.22 5.45 -8.12
N GLY B 422 -4.64 6.58 -7.73
CA GLY B 422 -4.03 6.78 -6.41
C GLY B 422 -2.84 5.85 -6.21
N SER B 423 -2.78 5.17 -5.04
CA SER B 423 -1.82 4.12 -4.78
C SER B 423 -1.90 2.86 -5.71
N ASN B 424 -2.98 2.64 -6.48
CA ASN B 424 -3.01 1.59 -7.51
C ASN B 424 -2.24 1.88 -8.82
N SER B 425 -1.72 3.11 -8.94
CA SER B 425 -0.97 3.47 -10.16
C SER B 425 0.18 2.54 -10.43
N GLU B 426 0.93 2.14 -9.40
CA GLU B 426 2.03 1.13 -9.54
C GLU B 426 1.57 -0.12 -10.15
N LEU B 427 0.36 -0.59 -9.78
CA LEU B 427 -0.10 -1.82 -10.40
C LEU B 427 -0.45 -1.61 -11.84
N LEU B 428 -0.87 -0.38 -12.14
CA LEU B 428 -1.32 -0.04 -13.49
C LEU B 428 -0.13 0.15 -14.42
N LEU B 429 0.97 0.67 -13.88
CA LEU B 429 2.17 0.88 -14.67
C LEU B 429 3.07 -0.39 -14.78
N GLY B 430 2.90 -1.35 -13.84
CA GLY B 430 3.57 -2.66 -13.95
C GLY B 430 5.06 -2.45 -14.18
N ASN B 431 5.61 -3.08 -15.22
CA ASN B 431 7.03 -2.92 -15.54
C ASN B 431 7.42 -1.83 -16.61
N ALA B 432 6.48 -0.97 -16.99
CA ALA B 432 6.74 0.10 -17.96
C ALA B 432 7.93 0.98 -17.57
N GLY B 433 8.77 1.36 -18.54
CA GLY B 433 9.90 2.26 -18.31
C GLY B 433 10.05 3.42 -19.28
N THR B 434 9.30 3.34 -20.37
CA THR B 434 9.11 4.43 -21.29
C THR B 434 7.62 4.56 -21.60
N VAL B 435 7.30 5.58 -22.39
CA VAL B 435 5.94 5.83 -22.89
C VAL B 435 5.57 4.74 -23.83
N SER B 436 6.54 4.29 -24.60
CA SER B 436 6.30 3.27 -25.62
C SER B 436 5.80 1.96 -24.99
N ASP B 437 6.23 1.71 -23.75
CA ASP B 437 5.78 0.60 -22.91
C ASP B 437 4.31 0.75 -22.53
N LEU B 438 3.74 1.95 -22.63
CA LEU B 438 2.32 2.14 -22.37
C LEU B 438 1.40 1.55 -23.45
N GLY B 439 1.88 1.19 -24.62
CA GLY B 439 0.95 0.58 -25.58
C GLY B 439 0.26 1.62 -26.45
N GLU B 440 -0.69 1.16 -27.25
CA GLU B 440 -1.48 2.03 -28.14
C GLU B 440 -1.99 3.28 -27.42
N ASP B 441 -1.85 4.43 -28.08
CA ASP B 441 -2.35 5.68 -27.57
C ASP B 441 -3.73 5.72 -28.13
N PHE B 442 -4.75 5.81 -27.26
CA PHE B 442 -6.12 5.85 -27.81
C PHE B 442 -6.61 7.29 -27.92
N GLY B 443 -5.83 8.25 -27.47
CA GLY B 443 -6.18 9.62 -27.57
C GLY B 443 -6.12 10.24 -26.19
N HIS B 444 -5.76 11.51 -26.12
CA HIS B 444 -5.66 12.21 -24.83
C HIS B 444 -4.88 11.43 -23.74
N GLU B 445 -3.77 10.75 -24.08
CA GLU B 445 -2.92 10.04 -23.08
C GLU B 445 -3.70 8.97 -22.34
N PHE B 446 -4.65 8.39 -23.06
CA PHE B 446 -5.35 7.17 -22.58
C PHE B 446 -4.71 6.02 -23.34
N TYR B 447 -3.79 5.32 -22.66
CA TYR B 447 -3.00 4.30 -23.28
C TYR B 447 -3.53 2.94 -22.93
N GLU B 448 -3.23 1.99 -23.75
CA GLU B 448 -3.59 0.58 -23.55
C GLU B 448 -3.25 -0.02 -22.17
N ALA B 449 -2.24 0.50 -21.51
CA ALA B 449 -1.78 0.05 -20.20
C ALA B 449 -2.84 0.35 -19.15
N GLU B 450 -3.49 1.48 -19.37
CA GLU B 450 -4.65 1.94 -18.55
C GLU B 450 -5.88 1.18 -18.83
N LEU B 451 -6.22 1.01 -20.13
CA LEU B 451 -7.37 0.24 -20.52
C LEU B 451 -7.26 -1.22 -20.11
N LYS B 452 -6.08 -1.79 -20.27
CA LYS B 452 -5.91 -3.18 -19.80
C LYS B 452 -6.08 -3.30 -18.29
N TYR B 453 -5.45 -2.43 -17.54
CA TYR B 453 -5.65 -2.36 -16.10
C TYR B 453 -7.13 -2.21 -15.73
N LEU B 454 -7.87 -1.38 -16.47
CA LEU B 454 -9.34 -1.22 -16.10
C LEU B 454 -10.12 -2.51 -16.22
N VAL B 455 -9.88 -3.28 -17.27
CA VAL B 455 -10.58 -4.51 -17.50
C VAL B 455 -10.16 -5.53 -16.44
N ASP B 456 -8.85 -5.60 -16.23
CA ASP B 456 -8.25 -6.60 -15.34
C ASP B 456 -8.66 -6.33 -13.91
N HIS B 457 -8.72 -5.06 -13.50
CA HIS B 457 -8.91 -4.82 -12.03
C HIS B 457 -10.08 -3.95 -11.69
N GLU B 458 -10.81 -3.48 -12.72
CA GLU B 458 -11.91 -2.50 -12.48
C GLU B 458 -13.22 -2.82 -13.13
N TRP B 459 -13.36 -4.06 -13.57
CA TRP B 459 -14.63 -4.62 -14.08
C TRP B 459 -15.10 -4.01 -15.38
N VAL B 460 -14.23 -3.23 -16.04
CA VAL B 460 -14.63 -2.70 -17.31
C VAL B 460 -14.88 -3.79 -18.35
N ARG B 461 -16.01 -3.68 -19.07
CA ARG B 461 -16.40 -4.59 -20.12
C ARG B 461 -16.79 -3.86 -21.37
N ARG B 462 -17.37 -2.66 -21.27
CA ARG B 462 -17.73 -1.77 -22.42
C ARG B 462 -17.00 -0.43 -22.35
N ALA B 463 -16.90 0.24 -23.48
CA ALA B 463 -16.11 1.50 -23.60
C ALA B 463 -16.66 2.55 -22.64
N ASP B 464 -17.97 2.66 -22.52
CA ASP B 464 -18.54 3.66 -21.58
C ASP B 464 -18.13 3.46 -20.15
N ASP B 465 -18.09 2.21 -19.68
CA ASP B 465 -17.50 1.87 -18.36
C ASP B 465 -16.18 2.65 -18.16
N ALA B 466 -15.37 2.53 -19.17
CA ALA B 466 -14.00 2.98 -19.07
C ALA B 466 -13.95 4.50 -19.25
N LEU B 467 -14.66 4.97 -20.27
CA LEU B 467 -14.59 6.36 -20.68
C LEU B 467 -15.48 7.29 -19.86
N TRP B 468 -16.52 6.74 -19.25
CA TRP B 468 -17.45 7.60 -18.49
C TRP B 468 -17.66 7.38 -17.05
N ARG B 469 -17.31 6.20 -16.55
CA ARG B 469 -17.51 5.87 -15.14
C ARG B 469 -16.16 5.71 -14.45
N ARG B 470 -15.34 4.78 -14.89
CA ARG B 470 -13.97 4.76 -14.31
C ARG B 470 -13.12 6.02 -14.51
N THR B 471 -13.28 6.68 -15.70
CA THR B 471 -12.55 7.95 -15.99
C THR B 471 -13.57 8.85 -16.69
N LYS B 472 -13.24 10.11 -16.99
CA LYS B 472 -14.14 10.95 -17.83
C LYS B 472 -13.43 11.28 -19.11
N GLN B 473 -12.54 10.39 -19.54
CA GLN B 473 -11.92 10.51 -20.88
C GLN B 473 -12.94 10.68 -21.97
N GLY B 474 -14.15 10.15 -21.77
CA GLY B 474 -15.17 10.34 -22.84
C GLY B 474 -15.29 11.85 -23.15
N TRP B 476 -13.05 13.87 -23.97
CA TRP B 476 -12.01 14.33 -24.91
C TRP B 476 -11.88 13.43 -26.15
N LEU B 477 -12.33 12.20 -26.11
CA LEU B 477 -12.03 11.30 -27.25
C LEU B 477 -13.06 11.54 -28.32
N ASN B 478 -12.69 11.66 -29.59
CA ASN B 478 -13.75 11.79 -30.55
C ASN B 478 -14.44 10.45 -30.83
N ALA B 479 -15.40 10.47 -31.74
CA ALA B 479 -16.31 9.39 -31.98
C ALA B 479 -15.56 8.18 -32.55
N ASP B 480 -14.60 8.44 -33.44
CA ASP B 480 -13.75 7.37 -33.95
C ASP B 480 -12.74 6.87 -32.94
N GLN B 481 -12.33 7.71 -31.99
CA GLN B 481 -11.45 7.19 -30.90
C GLN B 481 -12.22 6.31 -29.96
N GLN B 482 -13.50 6.61 -29.74
CA GLN B 482 -14.32 5.78 -28.87
C GLN B 482 -14.69 4.43 -29.49
N SER B 483 -14.85 4.43 -30.81
CA SER B 483 -15.10 3.24 -31.60
C SER B 483 -13.88 2.30 -31.51
N ARG B 484 -12.66 2.82 -31.64
CA ARG B 484 -11.43 2.02 -31.43
C ARG B 484 -11.26 1.49 -30.00
N VAL B 485 -11.62 2.26 -28.98
CA VAL B 485 -11.58 1.74 -27.60
C VAL B 485 -12.53 0.55 -27.52
N SER B 486 -13.71 0.61 -28.10
CA SER B 486 -14.66 -0.54 -28.09
C SER B 486 -14.16 -1.70 -28.93
N GLN B 487 -13.52 -1.39 -30.10
CA GLN B 487 -12.94 -2.44 -30.96
C GLN B 487 -11.89 -3.22 -30.14
N TRP B 488 -10.97 -2.53 -29.48
CA TRP B 488 -9.97 -3.16 -28.58
C TRP B 488 -10.60 -3.97 -27.47
N LEU B 489 -11.65 -3.47 -26.84
CA LEU B 489 -12.24 -4.18 -25.73
C LEU B 489 -12.88 -5.51 -26.18
N VAL B 490 -13.41 -5.55 -27.39
CA VAL B 490 -13.85 -6.81 -27.99
C VAL B 490 -12.70 -7.82 -28.24
N GLU B 491 -11.60 -7.38 -28.84
CA GLU B 491 -10.43 -8.23 -29.07
C GLU B 491 -9.80 -8.75 -27.76
N TYR B 492 -9.62 -7.89 -26.77
CA TYR B 492 -9.09 -8.35 -25.51
C TYR B 492 -10.04 -9.27 -24.77
N THR B 493 -11.28 -8.85 -24.57
CA THR B 493 -12.18 -9.60 -23.70
C THR B 493 -12.72 -10.91 -24.29
N GLN B 494 -13.00 -10.87 -25.57
CA GLN B 494 -13.86 -11.88 -26.13
C GLN B 494 -12.94 -12.95 -26.61
N GLN B 495 -11.76 -13.04 -25.98
CA GLN B 495 -10.82 -13.90 -26.64
C GLN B 495 -9.58 -14.00 -25.91
N ARG B 496 -8.74 -12.97 -25.99
CA ARG B 496 -7.52 -12.92 -25.13
C ARG B 496 -7.82 -12.85 -23.66
N LEU B 497 -8.81 -13.61 -23.21
CA LEU B 497 -9.20 -13.62 -21.80
C LEU B 497 -10.45 -14.46 -21.57
#